data_5KOS
#
_entry.id   5KOS
#
_cell.length_a   137.077
_cell.length_b   137.077
_cell.length_c   137.077
_cell.angle_alpha   90.000
_cell.angle_beta   90.000
_cell.angle_gamma   90.000
#
_symmetry.space_group_name_H-M   'P 21 3'
#
loop_
_entity.id
_entity.type
_entity.pdbx_description
1 polymer Renin
2 non-polymer 2-acetamido-2-deoxy-beta-D-glucopyranose
3 non-polymer 2-~{tert}-butyl-4-(3-methoxypropylamino)-~{N}-(2-methylpropyl)-~{N}-[(3~{S},5~{R})-5-morpholin-4-ylcarbonylpiperidin-3-yl]pyrimidine-5-carboxamide
4 non-polymer 'DIMETHYL SULFOXIDE'
5 non-polymer DI(HYDROXYETHYL)ETHER
6 water water
#
_entity_poly.entity_id   1
_entity_poly.type   'polypeptide(L)'
_entity_poly.pdbx_seq_one_letter_code
;GNTTSSVILTNYMDTQYYGEIGIGTPPQTFKVVFDTGSSNVWVPSSKCSRLYTACVYHKLFDASDSSSYKHNGTELTLRY
STGTVSGFLSQDIITVGGITVTQMFGEVTEMPALPFMLAEFDGVVGMGFIEQAIGRVTPIFDNIISQGVLKEDVFSFYYN
RDSENSQSLGGQIVLGGSDPQHYEGNFHYINLIKTGVWQIQMKGVSVGSSTLLCEDGCLALVDTGASYISGSTSSIEKLM
EALGAKKRLFDYVVKCNEGPTLPDISFHLGGKEYTLTSADYVFQESYSSKKLCTLAIHAMDIPPPTGPTWALGATFIRKF
YTEFDRRNNRIGFALAR
;
_entity_poly.pdbx_strand_id   A,B
#
loop_
_chem_comp.id
_chem_comp.type
_chem_comp.name
_chem_comp.formula
6VS non-polymer 2-~{tert}-butyl-4-(3-methoxypropylamino)-~{N}-(2-methylpropyl)-~{N}-[(3~{S},5~{R})-5-morpholin-4-ylcarbonylpiperidin-3-yl]pyrimidine-5-carboxamide 'C27 H46 N6 O4'
DMS non-polymer 'DIMETHYL SULFOXIDE' 'C2 H6 O S'
NAG D-saccharide, beta linking 2-acetamido-2-deoxy-beta-D-glucopyranose 'C8 H15 N O6'
PEG non-polymer DI(HYDROXYETHYL)ETHER 'C4 H10 O3'
#
# COMPACT_ATOMS: atom_id res chain seq x y z
N GLY A 1 -15.16 -5.36 -31.06
CA GLY A 1 -14.88 -6.79 -30.74
C GLY A 1 -15.20 -7.14 -29.30
N ASN A 2 -14.91 -8.38 -28.93
CA ASN A 2 -15.29 -8.91 -27.62
C ASN A 2 -14.13 -9.09 -26.61
N THR A 3 -12.88 -9.07 -27.08
CA THR A 3 -11.73 -9.37 -26.23
C THR A 3 -11.28 -8.17 -25.36
N THR A 4 -10.95 -8.46 -24.10
CA THR A 4 -10.00 -7.66 -23.35
C THR A 4 -8.77 -8.52 -23.19
N SER A 5 -7.62 -7.89 -23.05
CA SER A 5 -6.36 -8.58 -22.91
C SER A 5 -5.52 -7.94 -21.82
N SER A 6 -4.65 -8.72 -21.21
CA SER A 6 -3.86 -8.24 -20.09
C SER A 6 -2.35 -8.43 -20.31
N VAL A 7 -1.55 -7.50 -19.78
CA VAL A 7 -0.10 -7.64 -19.75
C VAL A 7 0.34 -7.68 -18.28
N ILE A 8 1.06 -8.72 -17.92
CA ILE A 8 1.56 -8.90 -16.56
C ILE A 8 2.84 -8.08 -16.40
N LEU A 9 2.94 -7.36 -15.28
CA LEU A 9 4.09 -6.51 -15.01
C LEU A 9 4.93 -7.01 -13.86
N THR A 10 6.22 -6.68 -13.96
CA THR A 10 7.19 -6.90 -12.92
C THR A 10 7.44 -5.57 -12.24
N ASN A 11 7.45 -5.62 -10.91
CA ASN A 11 7.81 -4.47 -10.07
C ASN A 11 9.22 -4.65 -9.54
N TYR A 12 10.15 -3.86 -10.07
CA TYR A 12 11.50 -3.74 -9.52
C TYR A 12 11.56 -2.61 -8.50
N MET A 13 11.62 -2.97 -7.22
CA MET A 13 11.92 -2.06 -6.11
C MET A 13 10.98 -0.87 -5.97
N ASP A 14 9.73 -1.03 -6.43
CA ASP A 14 8.76 0.06 -6.43
C ASP A 14 9.12 1.25 -7.32
N THR A 15 10.20 1.15 -8.10
CA THR A 15 10.66 2.27 -8.94
C THR A 15 10.53 2.01 -10.45
N GLN A 16 10.54 0.75 -10.87
CA GLN A 16 10.41 0.41 -12.27
C GLN A 16 9.37 -0.67 -12.42
N TYR A 17 8.36 -0.39 -13.25
CA TYR A 17 7.34 -1.36 -13.61
C TYR A 17 7.43 -1.60 -15.11
N TYR A 18 7.48 -2.87 -15.52
CA TYR A 18 7.60 -3.22 -16.93
C TYR A 18 7.04 -4.61 -17.20
N GLY A 19 6.61 -4.82 -18.45
CA GLY A 19 6.13 -6.12 -18.89
C GLY A 19 6.93 -6.60 -20.08
N GLU A 20 6.50 -7.71 -20.67
CA GLU A 20 7.16 -8.30 -21.83
C GLU A 20 6.34 -8.07 -23.09
N ILE A 21 7.01 -7.67 -24.18
CA ILE A 21 6.44 -7.71 -25.52
C ILE A 21 7.35 -8.54 -26.42
N GLY A 22 6.79 -9.00 -27.53
CA GLY A 22 7.54 -9.71 -28.56
C GLY A 22 7.63 -8.86 -29.80
N ILE A 23 8.80 -8.84 -30.45
CA ILE A 23 8.97 -8.10 -31.72
C ILE A 23 9.64 -9.02 -32.75
N GLY A 24 9.12 -9.00 -33.98
CA GLY A 24 9.65 -9.81 -35.06
C GLY A 24 9.12 -11.21 -35.14
N THR A 25 9.59 -11.91 -36.16
CA THR A 25 9.30 -13.31 -36.43
C THR A 25 10.65 -14.04 -36.58
N PRO A 26 11.01 -14.96 -35.68
CA PRO A 26 10.25 -15.31 -34.49
C PRO A 26 10.36 -14.21 -33.43
N PRO A 27 9.44 -14.20 -32.45
CA PRO A 27 9.45 -13.09 -31.49
C PRO A 27 10.78 -12.93 -30.72
N GLN A 28 11.31 -11.72 -30.73
CA GLN A 28 12.38 -11.32 -29.83
C GLN A 28 11.68 -10.60 -28.68
N THR A 29 11.98 -11.02 -27.45
CA THR A 29 11.29 -10.51 -26.28
C THR A 29 12.06 -9.36 -25.64
N PHE A 30 11.33 -8.33 -25.22
CA PHE A 30 11.93 -7.17 -24.56
C PHE A 30 11.13 -6.82 -23.34
N LYS A 31 11.82 -6.40 -22.29
CA LYS A 31 11.22 -5.78 -21.12
C LYS A 31 10.96 -4.33 -21.49
N VAL A 32 9.71 -3.89 -21.36
CA VAL A 32 9.33 -2.54 -21.75
C VAL A 32 8.48 -1.87 -20.67
N VAL A 33 8.72 -0.59 -20.45
CA VAL A 33 7.83 0.25 -19.66
C VAL A 33 6.66 0.71 -20.54
N PHE A 34 5.45 0.62 -20.02
CA PHE A 34 4.28 1.13 -20.71
C PHE A 34 4.01 2.51 -20.14
N ASP A 35 4.13 3.51 -21.00
CA ASP A 35 4.34 4.89 -20.57
C ASP A 35 3.25 5.81 -21.12
N THR A 36 2.30 6.21 -20.29
CA THR A 36 1.27 7.16 -20.72
C THR A 36 1.79 8.58 -20.96
N GLY A 37 2.99 8.90 -20.48
CA GLY A 37 3.62 10.19 -20.73
C GLY A 37 4.41 10.33 -22.03
N SER A 38 4.45 9.29 -22.86
CA SER A 38 5.07 9.38 -24.19
C SER A 38 4.27 8.52 -25.17
N SER A 39 4.58 8.67 -26.47
CA SER A 39 3.79 8.04 -27.54
C SER A 39 4.56 7.15 -28.53
N ASN A 40 5.85 6.99 -28.35
CA ASN A 40 6.65 6.20 -29.29
C ASN A 40 6.99 4.87 -28.68
N VAL A 41 7.11 3.85 -29.52
CA VAL A 41 7.66 2.58 -29.12
C VAL A 41 9.13 2.57 -29.53
N TRP A 42 10.00 2.14 -28.63
CA TRP A 42 11.39 1.92 -28.96
C TRP A 42 12.01 0.79 -28.16
N VAL A 43 13.00 0.17 -28.79
CA VAL A 43 13.84 -0.81 -28.15
C VAL A 43 15.27 -0.52 -28.60
N PRO A 44 16.27 -0.94 -27.80
CA PRO A 44 17.65 -0.88 -28.24
C PRO A 44 17.87 -1.79 -29.45
N SER A 45 18.78 -1.38 -30.33
CA SER A 45 18.97 -2.00 -31.63
C SER A 45 20.29 -2.72 -31.68
N SER A 46 20.37 -3.77 -32.48
CA SER A 46 21.65 -4.45 -32.74
C SER A 46 22.65 -3.55 -33.51
N LYS A 47 22.16 -2.47 -34.10
CA LYS A 47 23.04 -1.49 -34.74
C LYS A 47 23.59 -0.45 -33.76
N CYS A 48 23.21 -0.54 -32.48
CA CYS A 48 23.78 0.30 -31.44
C CYS A 48 25.22 -0.10 -31.17
N SER A 49 26.16 0.81 -31.46
CA SER A 49 27.56 0.62 -31.11
C SER A 49 27.67 0.10 -29.67
N ARG A 50 28.49 -0.93 -29.48
CA ARG A 50 28.70 -1.50 -28.15
C ARG A 50 29.57 -0.60 -27.27
N LEU A 51 30.09 0.50 -27.80
CA LEU A 51 30.67 1.56 -26.96
C LEU A 51 29.62 2.23 -26.06
N TYR A 52 28.34 2.12 -26.44
CA TYR A 52 27.24 2.41 -25.52
C TYR A 52 27.07 1.20 -24.60
N THR A 53 27.55 1.31 -23.38
CA THR A 53 27.50 0.18 -22.44
C THR A 53 26.07 -0.26 -22.11
N ALA A 54 25.13 0.67 -22.09
CA ALA A 54 23.71 0.37 -21.99
C ALA A 54 23.24 -0.62 -23.05
N CYS A 55 23.82 -0.54 -24.24
CA CYS A 55 23.52 -1.48 -25.32
C CYS A 55 24.19 -2.84 -25.17
N VAL A 56 25.24 -2.93 -24.37
CA VAL A 56 25.84 -4.22 -24.01
C VAL A 56 24.99 -4.94 -22.97
N TYR A 57 24.34 -4.19 -22.07
CA TYR A 57 23.59 -4.74 -20.92
C TYR A 57 22.10 -4.94 -21.18
N HIS A 58 21.57 -4.41 -22.27
CA HIS A 58 20.19 -4.67 -22.61
C HIS A 58 20.04 -5.57 -23.82
N LYS A 59 18.85 -6.16 -23.90
CA LYS A 59 18.42 -6.98 -25.00
C LYS A 59 18.29 -6.09 -26.22
N LEU A 60 18.90 -6.51 -27.32
CA LEU A 60 18.93 -5.71 -28.55
C LEU A 60 18.02 -6.34 -29.59
N PHE A 61 17.27 -5.50 -30.30
CA PHE A 61 16.48 -5.95 -31.41
C PHE A 61 17.35 -6.06 -32.66
N ASP A 62 17.43 -7.28 -33.20
CA ASP A 62 18.16 -7.55 -34.41
C ASP A 62 17.15 -7.71 -35.54
N ALA A 63 16.99 -6.65 -36.34
CA ALA A 63 16.14 -6.70 -37.53
C ALA A 63 16.60 -7.78 -38.51
N SER A 64 17.90 -8.05 -38.54
CA SER A 64 18.46 -9.16 -39.32
C SER A 64 18.08 -10.57 -38.86
N ASP A 65 17.36 -10.73 -37.76
CA ASP A 65 16.82 -12.01 -37.34
C ASP A 65 15.30 -12.09 -37.46
N SER A 66 14.67 -11.05 -38.02
CA SER A 66 13.22 -11.00 -38.16
C SER A 66 12.84 -11.08 -39.64
N SER A 67 12.05 -12.09 -39.98
CA SER A 67 11.55 -12.27 -41.33
C SER A 67 10.33 -11.37 -41.65
N SER A 68 9.77 -10.71 -40.65
CA SER A 68 8.62 -9.80 -40.83
C SER A 68 9.01 -8.30 -40.77
N TYR A 69 10.29 -8.02 -40.53
CA TYR A 69 10.81 -6.65 -40.55
C TYR A 69 10.59 -5.93 -41.86
N LYS A 70 10.22 -4.65 -41.76
CA LYS A 70 10.13 -3.75 -42.89
C LYS A 70 10.91 -2.47 -42.59
N HIS A 71 11.91 -2.21 -43.43
CA HIS A 71 12.76 -1.05 -43.33
C HIS A 71 11.96 0.25 -43.43
N ASN A 72 12.35 1.23 -42.63
CA ASN A 72 12.02 2.61 -42.88
C ASN A 72 13.30 3.45 -42.89
N GLY A 73 13.96 3.56 -41.73
CA GLY A 73 15.25 4.24 -41.64
C GLY A 73 15.25 5.71 -41.27
N THR A 74 14.07 6.32 -41.17
CA THR A 74 13.95 7.71 -40.74
C THR A 74 14.55 7.86 -39.36
N GLU A 75 15.49 8.78 -39.23
CA GLU A 75 16.17 9.00 -37.97
C GLU A 75 15.27 9.75 -37.00
N LEU A 76 15.24 9.33 -35.74
CA LEU A 76 14.51 10.06 -34.73
C LEU A 76 15.23 10.08 -33.38
N THR A 77 14.99 11.16 -32.65
CA THR A 77 15.53 11.37 -31.33
C THR A 77 14.36 11.57 -30.38
N LEU A 78 14.35 10.83 -29.28
CA LEU A 78 13.31 10.92 -28.29
C LEU A 78 13.92 11.51 -27.03
N ARG A 79 13.44 12.69 -26.65
CA ARG A 79 13.97 13.43 -25.51
CA ARG A 79 13.95 13.43 -25.50
C ARG A 79 13.03 13.25 -24.30
N TYR A 80 13.51 12.51 -23.30
CA TYR A 80 12.80 12.37 -22.04
C TYR A 80 13.41 13.31 -21.01
N SER A 81 12.76 13.39 -19.85
CA SER A 81 13.22 14.22 -18.74
C SER A 81 14.59 13.84 -18.24
N THR A 82 14.85 12.53 -18.11
CA THR A 82 16.11 12.05 -17.53
C THR A 82 17.19 11.71 -18.54
N GLY A 83 16.90 11.84 -19.83
CA GLY A 83 17.88 11.46 -20.85
C GLY A 83 17.25 11.33 -22.20
N THR A 84 18.08 11.02 -23.19
CA THR A 84 17.67 11.01 -24.58
C THR A 84 18.10 9.70 -25.21
N VAL A 85 17.27 9.17 -26.12
CA VAL A 85 17.66 8.07 -26.99
C VAL A 85 17.48 8.51 -28.42
N SER A 86 18.32 7.96 -29.30
CA SER A 86 18.26 8.28 -30.71
C SER A 86 18.46 7.03 -31.53
N GLY A 87 17.86 7.02 -32.71
CA GLY A 87 17.90 5.85 -33.56
C GLY A 87 17.17 6.09 -34.85
N PHE A 88 16.55 5.03 -35.39
CA PHE A 88 15.86 5.09 -36.67
C PHE A 88 14.57 4.29 -36.63
N LEU A 89 13.66 4.62 -37.54
CA LEU A 89 12.35 3.97 -37.56
C LEU A 89 12.43 2.63 -38.26
N SER A 90 11.67 1.69 -37.72
CA SER A 90 11.50 0.36 -38.30
C SER A 90 10.05 -0.05 -38.13
N GLN A 91 9.68 -1.11 -38.81
CA GLN A 91 8.36 -1.70 -38.68
C GLN A 91 8.50 -3.20 -38.55
N ASP A 92 7.72 -3.77 -37.64
CA ASP A 92 7.66 -5.21 -37.48
C ASP A 92 6.36 -5.55 -36.77
N ILE A 93 6.07 -6.85 -36.60
CA ILE A 93 4.87 -7.22 -35.85
C ILE A 93 5.24 -7.26 -34.36
N ILE A 94 4.42 -6.63 -33.53
CA ILE A 94 4.63 -6.60 -32.10
C ILE A 94 3.52 -7.41 -31.42
N THR A 95 3.91 -8.23 -30.45
CA THR A 95 2.97 -9.03 -29.68
C THR A 95 2.94 -8.49 -28.26
N VAL A 96 1.76 -8.05 -27.84
CA VAL A 96 1.57 -7.50 -26.49
C VAL A 96 0.25 -8.06 -25.95
N GLY A 97 0.35 -8.77 -24.83
CA GLY A 97 -0.79 -9.45 -24.24
C GLY A 97 -1.50 -10.40 -25.18
N GLY A 98 -0.75 -11.11 -26.01
CA GLY A 98 -1.39 -11.98 -27.02
C GLY A 98 -2.18 -11.29 -28.14
N ILE A 99 -2.12 -9.96 -28.23
CA ILE A 99 -2.61 -9.21 -29.39
C ILE A 99 -1.39 -8.94 -30.26
N THR A 100 -1.54 -9.14 -31.55
CA THR A 100 -0.48 -8.96 -32.53
C THR A 100 -0.81 -7.76 -33.40
N VAL A 101 0.18 -6.94 -33.67
CA VAL A 101 -0.05 -5.68 -34.38
C VAL A 101 1.20 -5.30 -35.19
N THR A 102 1.01 -4.85 -36.43
CA THR A 102 2.10 -4.26 -37.21
C THR A 102 2.33 -2.84 -36.69
N GLN A 103 3.56 -2.58 -36.28
CA GLN A 103 3.87 -1.40 -35.51
C GLN A 103 5.16 -0.79 -35.99
N MET A 104 5.13 0.52 -36.19
CA MET A 104 6.35 1.29 -36.42
C MET A 104 6.95 1.62 -35.08
N PHE A 105 8.26 1.45 -34.96
CA PHE A 105 8.96 1.69 -33.71
C PHE A 105 10.40 2.12 -33.97
N GLY A 106 11.03 2.60 -32.89
CA GLY A 106 12.40 3.06 -32.95
C GLY A 106 13.38 1.97 -32.58
N GLU A 107 14.41 1.83 -33.40
CA GLU A 107 15.55 1.01 -33.10
C GLU A 107 16.59 1.98 -32.60
N VAL A 108 16.90 1.90 -31.30
CA VAL A 108 17.77 2.88 -30.68
C VAL A 108 19.21 2.45 -30.88
N THR A 109 19.98 3.35 -31.49
CA THR A 109 21.39 3.16 -31.75
C THR A 109 22.28 4.01 -30.84
N GLU A 110 21.70 4.99 -30.14
CA GLU A 110 22.47 5.83 -29.23
C GLU A 110 21.71 5.88 -27.90
N MET A 111 22.31 5.26 -26.88
CA MET A 111 21.66 5.02 -25.59
C MET A 111 22.65 5.29 -24.46
N PRO A 112 22.65 6.53 -23.92
CA PRO A 112 23.59 7.01 -22.89
C PRO A 112 23.62 6.13 -21.65
N ALA A 113 24.83 5.84 -21.16
CA ALA A 113 25.02 4.94 -20.01
C ALA A 113 24.26 5.45 -18.80
N LEU A 114 24.38 6.74 -18.51
CA LEU A 114 23.44 7.40 -17.61
C LEU A 114 22.39 8.13 -18.46
N PRO A 115 21.10 7.87 -18.27
CA PRO A 115 20.56 7.09 -17.15
C PRO A 115 20.36 5.59 -17.43
N PHE A 116 20.66 5.13 -18.64
CA PHE A 116 20.05 3.86 -19.08
C PHE A 116 20.68 2.58 -18.55
N MET A 117 21.89 2.66 -18.03
CA MET A 117 22.45 1.57 -17.25
C MET A 117 21.67 1.25 -15.97
N LEU A 118 20.83 2.18 -15.51
CA LEU A 118 20.02 1.96 -14.32
C LEU A 118 18.66 1.36 -14.65
N ALA A 119 18.35 1.21 -15.94
CA ALA A 119 17.06 0.68 -16.37
C ALA A 119 17.06 -0.85 -16.37
N GLU A 120 16.14 -1.44 -15.64
CA GLU A 120 15.86 -2.88 -15.72
C GLU A 120 15.24 -3.25 -17.05
N PHE A 121 14.44 -2.34 -17.58
CA PHE A 121 13.75 -2.52 -18.84
C PHE A 121 14.69 -2.23 -20.02
N ASP A 122 14.35 -2.75 -21.19
CA ASP A 122 15.12 -2.50 -22.40
C ASP A 122 14.60 -1.28 -23.14
N GLY A 123 13.28 -1.13 -23.18
CA GLY A 123 12.66 -0.05 -23.93
C GLY A 123 11.34 0.43 -23.38
N VAL A 124 10.62 1.15 -24.22
CA VAL A 124 9.42 1.85 -23.83
C VAL A 124 8.36 1.62 -24.88
N VAL A 125 7.14 1.35 -24.42
CA VAL A 125 5.93 1.36 -25.23
C VAL A 125 5.09 2.58 -24.82
N GLY A 126 5.09 3.61 -25.65
CA GLY A 126 4.34 4.82 -25.35
C GLY A 126 2.84 4.60 -25.47
N MET A 127 2.09 4.89 -24.41
CA MET A 127 0.63 4.74 -24.38
C MET A 127 -0.11 6.08 -24.60
N GLY A 128 0.62 7.08 -25.08
CA GLY A 128 0.07 8.38 -25.34
C GLY A 128 -0.56 8.48 -26.71
N PHE A 129 -0.83 9.71 -27.10
CA PHE A 129 -1.57 10.00 -28.32
C PHE A 129 -0.63 10.29 -29.48
N ILE A 130 -1.14 10.13 -30.69
CA ILE A 130 -0.37 10.39 -31.92
C ILE A 130 0.16 11.84 -32.00
N GLU A 131 -0.52 12.77 -31.33
CA GLU A 131 -0.14 14.17 -31.34
C GLU A 131 1.26 14.45 -30.76
N GLN A 132 1.68 13.69 -29.74
CA GLN A 132 2.99 13.84 -29.12
CA GLN A 132 3.03 13.88 -29.17
C GLN A 132 4.00 12.78 -29.58
N ALA A 133 3.65 12.03 -30.63
CA ALA A 133 4.57 11.04 -31.17
C ALA A 133 5.60 11.75 -32.06
N ILE A 134 6.87 11.49 -31.81
CA ILE A 134 7.93 11.99 -32.69
C ILE A 134 7.85 11.22 -34.02
N GLY A 135 7.96 11.97 -35.11
CA GLY A 135 7.74 11.45 -36.45
C GLY A 135 6.27 11.26 -36.82
N ARG A 136 5.35 11.70 -35.95
CA ARG A 136 3.92 11.37 -36.08
C ARG A 136 3.64 9.87 -36.34
N VAL A 137 4.38 9.03 -35.64
CA VAL A 137 4.29 7.58 -35.79
C VAL A 137 3.05 7.10 -35.04
N THR A 138 2.19 6.33 -35.69
CA THR A 138 0.95 5.86 -35.07
C THR A 138 1.28 5.03 -33.81
N PRO A 139 0.75 5.44 -32.64
CA PRO A 139 1.05 4.64 -31.42
C PRO A 139 0.42 3.25 -31.43
N ILE A 140 0.94 2.39 -30.57
CA ILE A 140 0.54 0.99 -30.56
C ILE A 140 -0.91 0.81 -30.20
N PHE A 141 -1.41 1.59 -29.24
CA PHE A 141 -2.79 1.44 -28.82
C PHE A 141 -3.78 1.93 -29.88
N ASP A 142 -3.40 2.94 -30.65
CA ASP A 142 -4.17 3.35 -31.83
C ASP A 142 -4.23 2.23 -32.88
N ASN A 143 -3.12 1.51 -33.08
CA ASN A 143 -3.10 0.38 -34.03
C ASN A 143 -3.92 -0.82 -33.53
N ILE A 144 -3.85 -1.10 -32.23
CA ILE A 144 -4.67 -2.16 -31.64
C ILE A 144 -6.15 -1.83 -31.84
N ILE A 145 -6.52 -0.58 -31.57
CA ILE A 145 -7.90 -0.11 -31.75
C ILE A 145 -8.42 -0.28 -33.19
N SER A 146 -7.56 -0.03 -34.18
CA SER A 146 -7.90 -0.20 -35.60
C SER A 146 -8.29 -1.63 -35.97
N GLN A 147 -7.83 -2.62 -35.21
CA GLN A 147 -8.22 -4.02 -35.43
C GLN A 147 -9.68 -4.33 -35.05
N GLY A 148 -10.29 -3.50 -34.22
CA GLY A 148 -11.66 -3.73 -33.77
C GLY A 148 -11.86 -4.95 -32.89
N VAL A 149 -10.80 -5.39 -32.22
CA VAL A 149 -10.86 -6.55 -31.33
C VAL A 149 -11.19 -6.18 -29.87
N LEU A 150 -10.72 -5.03 -29.42
CA LEU A 150 -10.94 -4.63 -28.03
C LEU A 150 -12.41 -4.30 -27.75
N LYS A 151 -12.86 -4.71 -26.58
CA LYS A 151 -14.21 -4.46 -26.07
C LYS A 151 -14.51 -2.97 -25.86
N GLU A 152 -13.51 -2.24 -25.38
CA GLU A 152 -13.63 -0.82 -25.09
C GLU A 152 -12.34 -0.11 -25.48
N ASP A 153 -12.46 1.17 -25.78
CA ASP A 153 -11.34 2.00 -26.22
C ASP A 153 -10.67 2.54 -24.96
N VAL A 154 -10.20 1.65 -24.10
CA VAL A 154 -9.66 2.02 -22.81
C VAL A 154 -8.56 1.06 -22.44
N PHE A 155 -7.64 1.52 -21.60
CA PHE A 155 -6.71 0.64 -20.93
C PHE A 155 -6.56 1.08 -19.49
N SER A 156 -6.14 0.14 -18.65
CA SER A 156 -6.05 0.35 -17.22
C SER A 156 -4.74 -0.17 -16.64
N PHE A 157 -4.25 0.52 -15.60
CA PHE A 157 -2.99 0.18 -14.95
C PHE A 157 -3.19 -0.18 -13.50
N TYR A 158 -2.63 -1.32 -13.11
CA TYR A 158 -2.46 -1.70 -11.74
C TYR A 158 -0.97 -1.83 -11.48
N TYR A 159 -0.45 -1.04 -10.54
CA TYR A 159 0.92 -1.19 -10.04
C TYR A 159 0.85 -1.66 -8.58
N ASN A 160 1.34 -2.87 -8.34
CA ASN A 160 1.35 -3.44 -6.99
C ASN A 160 2.36 -2.72 -6.12
N ARG A 161 2.08 -2.70 -4.82
CA ARG A 161 3.00 -2.20 -3.81
C ARG A 161 4.03 -3.27 -3.50
N ASP A 162 3.56 -4.51 -3.35
CA ASP A 162 4.43 -5.66 -3.11
C ASP A 162 5.52 -5.75 -4.21
N SER A 163 6.77 -5.93 -3.79
CA SER A 163 7.91 -5.99 -4.71
C SER A 163 8.41 -7.41 -4.92
N SER A 168 4.21 -13.24 -6.46
CA SER A 168 3.36 -12.05 -6.44
C SER A 168 3.35 -11.29 -7.78
N LEU A 169 2.18 -10.77 -8.12
CA LEU A 169 1.98 -9.97 -9.35
C LEU A 169 2.55 -8.55 -9.16
N GLY A 170 3.58 -8.18 -9.92
CA GLY A 170 4.12 -6.82 -9.88
C GLY A 170 3.15 -5.73 -10.36
N GLY A 171 2.33 -6.09 -11.33
CA GLY A 171 1.31 -5.21 -11.84
C GLY A 171 0.60 -5.80 -13.04
N GLN A 172 -0.33 -5.05 -13.59
CA GLN A 172 -1.17 -5.53 -14.66
C GLN A 172 -1.71 -4.35 -15.46
N ILE A 173 -1.57 -4.45 -16.78
CA ILE A 173 -2.23 -3.55 -17.70
C ILE A 173 -3.35 -4.32 -18.39
N VAL A 174 -4.58 -3.82 -18.32
CA VAL A 174 -5.69 -4.40 -19.06
C VAL A 174 -5.88 -3.57 -20.32
N LEU A 175 -5.79 -4.24 -21.47
CA LEU A 175 -6.14 -3.67 -22.77
C LEU A 175 -7.60 -3.96 -23.05
N GLY A 176 -8.38 -2.90 -23.24
CA GLY A 176 -9.80 -3.04 -23.57
C GLY A 176 -10.75 -3.06 -22.39
N GLY A 177 -10.25 -2.70 -21.21
CA GLY A 177 -11.12 -2.60 -20.04
C GLY A 177 -10.34 -2.40 -18.78
N SER A 178 -10.91 -2.88 -17.68
CA SER A 178 -10.28 -2.82 -16.37
C SER A 178 -10.50 -4.14 -15.65
N ASP A 179 -9.74 -4.36 -14.58
CA ASP A 179 -9.83 -5.59 -13.78
C ASP A 179 -10.38 -5.28 -12.37
N PRO A 180 -11.64 -5.67 -12.10
CA PRO A 180 -12.26 -5.51 -10.77
C PRO A 180 -11.51 -6.17 -9.61
N GLN A 181 -10.69 -7.17 -9.88
CA GLN A 181 -9.85 -7.79 -8.83
C GLN A 181 -8.83 -6.80 -8.24
N HIS A 182 -8.46 -5.75 -8.97
CA HIS A 182 -7.44 -4.82 -8.51
C HIS A 182 -7.91 -3.40 -8.20
N TYR A 183 -9.21 -3.19 -8.10
CA TYR A 183 -9.74 -1.96 -7.52
C TYR A 183 -11.05 -2.18 -6.76
N GLU A 184 -11.45 -1.16 -6.01
CA GLU A 184 -12.67 -1.21 -5.22
C GLU A 184 -13.31 0.16 -5.18
N GLY A 185 -14.60 0.17 -4.85
CA GLY A 185 -15.40 1.38 -4.88
C GLY A 185 -15.62 1.90 -6.30
N ASN A 186 -16.00 3.17 -6.39
CA ASN A 186 -16.34 3.80 -7.66
C ASN A 186 -15.12 4.40 -8.31
N PHE A 187 -15.15 4.44 -9.64
CA PHE A 187 -14.23 5.25 -10.42
C PHE A 187 -14.67 6.71 -10.34
N HIS A 188 -13.71 7.62 -10.25
CA HIS A 188 -13.97 9.05 -10.41
C HIS A 188 -13.16 9.55 -11.59
N TYR A 189 -13.87 10.19 -12.53
CA TYR A 189 -13.31 10.56 -13.82
C TYR A 189 -13.00 12.04 -13.91
N ILE A 190 -11.84 12.34 -14.47
CA ILE A 190 -11.44 13.71 -14.78
C ILE A 190 -11.16 13.73 -16.28
N ASN A 191 -11.86 14.61 -16.98
CA ASN A 191 -11.68 14.73 -18.42
C ASN A 191 -10.37 15.47 -18.72
N LEU A 192 -9.78 15.14 -19.86
CA LEU A 192 -8.48 15.70 -20.25
C LEU A 192 -8.62 17.16 -20.67
N ILE A 193 -7.58 17.95 -20.41
CA ILE A 193 -7.61 19.39 -20.70
C ILE A 193 -6.76 19.84 -21.88
N LYS A 194 -5.94 18.96 -22.45
CA LYS A 194 -5.13 19.28 -23.62
C LYS A 194 -5.19 18.17 -24.65
N THR A 195 -5.24 18.56 -25.92
CA THR A 195 -5.30 17.65 -27.06
C THR A 195 -4.09 16.73 -27.05
N GLY A 196 -4.36 15.43 -27.04
CA GLY A 196 -3.31 14.45 -27.22
C GLY A 196 -2.32 14.27 -26.09
N VAL A 197 -2.72 14.56 -24.86
CA VAL A 197 -1.87 14.32 -23.68
C VAL A 197 -2.72 13.75 -22.56
N TRP A 198 -2.18 12.79 -21.83
CA TRP A 198 -2.87 12.22 -20.68
C TRP A 198 -2.64 13.17 -19.50
N GLN A 199 -3.31 14.31 -19.55
CA GLN A 199 -3.09 15.40 -18.62
C GLN A 199 -4.40 16.01 -18.16
N ILE A 200 -4.46 16.37 -16.88
CA ILE A 200 -5.68 16.87 -16.25
C ILE A 200 -5.42 18.13 -15.46
N GLN A 201 -6.50 18.87 -15.20
CA GLN A 201 -6.43 20.02 -14.32
C GLN A 201 -6.32 19.55 -12.88
N MET A 202 -5.39 20.16 -12.14
CA MET A 202 -5.27 19.95 -10.71
C MET A 202 -5.55 21.27 -10.02
N LYS A 203 -6.37 21.24 -8.98
CA LYS A 203 -6.89 22.45 -8.34
C LYS A 203 -6.19 22.81 -7.02
N GLY A 204 -5.28 21.96 -6.55
CA GLY A 204 -4.56 22.24 -5.31
C GLY A 204 -3.65 21.10 -4.89
N VAL A 205 -2.53 21.44 -4.27
CA VAL A 205 -1.68 20.46 -3.60
C VAL A 205 -1.56 20.88 -2.14
N SER A 206 -2.08 20.03 -1.26
CA SER A 206 -2.11 20.31 0.18
C SER A 206 -1.05 19.51 0.89
N VAL A 207 -0.51 20.09 1.95
CA VAL A 207 0.45 19.43 2.82
C VAL A 207 -0.07 19.63 4.24
N GLY A 208 -0.67 18.58 4.82
CA GLY A 208 -1.32 18.69 6.12
C GLY A 208 -2.54 19.61 6.06
N THR A 211 -4.15 24.10 1.48
CA THR A 211 -3.58 24.14 0.13
C THR A 211 -2.38 25.10 0.09
N LEU A 212 -1.19 24.56 0.32
CA LEU A 212 0.04 25.34 0.27
C LEU A 212 0.50 25.65 -1.16
N LEU A 213 0.19 24.76 -2.13
CA LEU A 213 0.67 24.90 -3.52
C LEU A 213 -0.43 24.64 -4.55
N CYS A 214 -0.20 25.14 -5.77
CA CYS A 214 -1.15 24.99 -6.88
C CYS A 214 -2.50 25.68 -6.56
N GLU A 215 -2.40 26.85 -5.94
CA GLU A 215 -3.56 27.56 -5.38
C GLU A 215 -4.53 28.07 -6.45
N ASP A 216 -3.97 28.65 -7.52
CA ASP A 216 -4.76 29.12 -8.68
C ASP A 216 -4.77 28.12 -9.85
N GLY A 217 -4.72 26.83 -9.53
CA GLY A 217 -4.74 25.77 -10.52
C GLY A 217 -3.39 25.48 -11.15
N CYS A 218 -3.22 24.24 -11.59
CA CYS A 218 -2.01 23.78 -12.29
C CYS A 218 -2.36 22.52 -13.08
N LEU A 219 -1.37 21.93 -13.72
CA LEU A 219 -1.57 20.76 -14.56
C LEU A 219 -0.94 19.54 -13.93
N ALA A 220 -1.54 18.39 -14.19
CA ALA A 220 -1.04 17.10 -13.74
C ALA A 220 -1.04 16.11 -14.90
N LEU A 221 0.13 15.61 -15.25
CA LEU A 221 0.26 14.56 -16.22
C LEU A 221 0.15 13.25 -15.45
N VAL A 222 -0.64 12.30 -15.95
CA VAL A 222 -0.76 10.99 -15.34
C VAL A 222 0.18 10.07 -16.12
N ASP A 223 1.36 9.82 -15.55
CA ASP A 223 2.51 9.27 -16.26
C ASP A 223 2.89 7.90 -15.73
N THR A 224 2.38 6.86 -16.38
CA THR A 224 2.62 5.48 -15.95
C THR A 224 4.08 5.08 -16.08
N GLY A 225 4.85 5.80 -16.88
CA GLY A 225 6.27 5.52 -17.07
C GLY A 225 7.23 6.18 -16.10
N ALA A 226 6.71 7.04 -15.23
CA ALA A 226 7.50 7.72 -14.21
C ALA A 226 7.35 7.01 -12.85
N SER A 227 8.45 6.95 -12.10
CA SER A 227 8.51 6.26 -10.82
C SER A 227 7.81 7.05 -9.73
N TYR A 228 7.96 8.37 -9.80
CA TYR A 228 7.61 9.26 -8.70
C TYR A 228 6.48 10.24 -9.01
N ILE A 229 6.14 11.04 -8.01
CA ILE A 229 5.40 12.27 -8.23
C ILE A 229 6.45 13.34 -8.49
N SER A 230 6.20 14.17 -9.48
CA SER A 230 7.09 15.29 -9.75
C SER A 230 6.32 16.57 -9.87
N GLY A 231 7.05 17.65 -9.66
CA GLY A 231 6.58 19.00 -9.91
C GLY A 231 7.73 19.84 -10.43
N SER A 232 7.47 21.12 -10.65
CA SER A 232 8.51 22.06 -11.01
C SER A 232 9.49 22.19 -9.85
N THR A 233 10.76 22.45 -10.17
CA THR A 233 11.78 22.73 -9.15
C THR A 233 11.27 23.71 -8.10
N SER A 234 10.56 24.76 -8.52
CA SER A 234 9.99 25.73 -7.58
C SER A 234 8.96 25.12 -6.65
N SER A 235 8.00 24.41 -7.23
CA SER A 235 6.92 23.78 -6.46
C SER A 235 7.48 22.76 -5.47
N ILE A 236 8.39 21.92 -5.94
CA ILE A 236 8.96 20.87 -5.10
C ILE A 236 9.81 21.47 -3.98
N GLU A 237 10.57 22.52 -4.27
CA GLU A 237 11.33 23.24 -3.24
C GLU A 237 10.43 23.76 -2.11
N LYS A 238 9.24 24.26 -2.47
CA LYS A 238 8.27 24.70 -1.47
C LYS A 238 7.71 23.53 -0.67
N LEU A 239 7.32 22.48 -1.40
CA LEU A 239 6.80 21.24 -0.79
C LEU A 239 7.80 20.65 0.20
N MET A 240 9.07 20.61 -0.19
CA MET A 240 10.11 19.99 0.62
C MET A 240 10.51 20.82 1.83
N GLU A 241 10.46 22.15 1.71
CA GLU A 241 10.59 23.03 2.87
C GLU A 241 9.50 22.74 3.91
N ALA A 242 8.27 22.54 3.43
CA ALA A 242 7.15 22.20 4.31
C ALA A 242 7.32 20.83 4.99
N LEU A 243 7.91 19.86 4.29
CA LEU A 243 8.21 18.55 4.87
C LEU A 243 9.47 18.51 5.75
N GLY A 244 10.39 19.45 5.55
CA GLY A 244 11.65 19.49 6.27
C GLY A 244 12.68 18.54 5.67
N ALA A 245 12.56 18.29 4.37
CA ALA A 245 13.45 17.38 3.67
C ALA A 245 14.68 18.12 3.15
N LYS A 246 15.81 17.42 3.10
CA LYS A 246 17.07 17.96 2.58
C LYS A 246 17.21 17.57 1.12
N LYS A 247 17.66 18.51 0.30
CA LYS A 247 17.91 18.27 -1.11
C LYS A 247 19.28 17.65 -1.28
N ARG A 248 19.38 16.69 -2.19
CA ARG A 248 20.66 16.10 -2.60
C ARG A 248 20.77 16.17 -4.14
N LEU A 249 21.85 15.61 -4.68
CA LEU A 249 22.07 15.60 -6.13
C LEU A 249 20.80 15.28 -6.90
N PHE A 250 20.26 14.09 -6.68
CA PHE A 250 19.16 13.55 -7.49
C PHE A 250 17.88 13.23 -6.74
N ASP A 251 17.82 13.53 -5.44
CA ASP A 251 16.62 13.24 -4.66
C ASP A 251 16.52 14.08 -3.39
N TYR A 252 15.35 14.04 -2.79
CA TYR A 252 15.10 14.58 -1.48
C TYR A 252 15.10 13.47 -0.43
N VAL A 253 15.60 13.78 0.76
CA VAL A 253 15.71 12.81 1.84
C VAL A 253 15.29 13.42 3.17
N VAL A 254 14.85 12.56 4.09
CA VAL A 254 14.64 12.93 5.50
C VAL A 254 15.38 11.96 6.40
N LYS A 255 15.66 12.37 7.63
CA LYS A 255 16.10 11.43 8.65
C LYS A 255 15.04 10.31 8.71
N CYS A 256 15.45 9.07 8.52
CA CYS A 256 14.53 7.94 8.48
C CYS A 256 13.54 7.89 9.67
N ASN A 257 14.00 8.25 10.86
CA ASN A 257 13.11 8.36 12.02
C ASN A 257 11.97 9.36 11.85
N GLU A 258 12.18 10.39 11.02
CA GLU A 258 11.16 11.41 10.78
C GLU A 258 10.08 10.97 9.79
N GLY A 259 10.39 9.94 8.97
CA GLY A 259 9.47 9.41 7.94
C GLY A 259 8.00 9.20 8.31
N PRO A 260 7.72 8.46 9.40
CA PRO A 260 6.33 8.24 9.84
C PRO A 260 5.64 9.45 10.45
N THR A 261 6.38 10.50 10.79
CA THR A 261 5.77 11.73 11.30
C THR A 261 5.39 12.72 10.18
N LEU A 262 5.76 12.42 8.93
CA LEU A 262 5.54 13.35 7.83
C LEU A 262 4.06 13.43 7.47
N PRO A 263 3.58 14.63 7.11
CA PRO A 263 2.15 14.84 6.85
C PRO A 263 1.62 14.22 5.56
N ASP A 264 0.30 14.17 5.48
CA ASP A 264 -0.38 13.72 4.27
C ASP A 264 -0.17 14.74 3.17
N ILE A 265 0.05 14.26 1.95
CA ILE A 265 0.06 15.11 0.78
C ILE A 265 -1.20 14.82 -0.03
N SER A 266 -1.98 15.87 -0.32
CA SER A 266 -3.27 15.76 -1.01
C SER A 266 -3.25 16.49 -2.36
N PHE A 267 -3.75 15.80 -3.40
CA PHE A 267 -3.86 16.33 -4.77
C PHE A 267 -5.34 16.50 -5.10
N HIS A 268 -5.77 17.73 -5.32
CA HIS A 268 -7.17 18.04 -5.61
C HIS A 268 -7.41 17.86 -7.13
N LEU A 269 -8.13 16.80 -7.48
CA LEU A 269 -8.37 16.41 -8.86
C LEU A 269 -9.85 16.14 -9.03
N GLY A 270 -10.47 16.89 -9.94
CA GLY A 270 -11.88 16.71 -10.27
C GLY A 270 -12.81 16.74 -9.08
N GLY A 271 -12.63 17.70 -8.19
CA GLY A 271 -13.49 17.82 -7.00
C GLY A 271 -13.07 16.97 -5.79
N LYS A 272 -12.54 15.76 -6.03
CA LYS A 272 -12.07 14.91 -4.95
C LYS A 272 -10.62 15.18 -4.58
N GLU A 273 -10.29 14.82 -3.35
CA GLU A 273 -8.97 14.98 -2.79
C GLU A 273 -8.30 13.58 -2.83
N TYR A 274 -7.08 13.51 -3.36
CA TYR A 274 -6.35 12.24 -3.49
C TYR A 274 -5.15 12.27 -2.55
N THR A 275 -5.25 11.56 -1.44
CA THR A 275 -4.33 11.72 -0.33
C THR A 275 -3.34 10.59 -0.28
N LEU A 276 -2.06 10.95 -0.26
CA LEU A 276 -0.98 10.01 0.01
C LEU A 276 -0.50 10.27 1.43
N THR A 277 -0.35 9.20 2.21
CA THR A 277 0.24 9.33 3.55
C THR A 277 1.75 9.18 3.38
N SER A 278 2.51 9.39 4.44
CA SER A 278 3.96 9.18 4.41
C SER A 278 4.37 7.76 3.98
N ALA A 279 3.62 6.75 4.41
CA ALA A 279 3.90 5.37 3.97
C ALA A 279 3.77 5.19 2.46
N ASP A 280 2.98 6.04 1.82
CA ASP A 280 2.84 6.04 0.36
C ASP A 280 3.94 6.75 -0.39
N TYR A 281 4.70 7.66 0.23
CA TYR A 281 5.76 8.41 -0.47
C TYR A 281 7.15 8.41 0.16
N VAL A 282 7.34 7.67 1.26
CA VAL A 282 8.64 7.56 1.91
C VAL A 282 9.11 6.14 1.69
N PHE A 283 10.32 5.99 1.16
CA PHE A 283 10.98 4.68 1.13
C PHE A 283 11.54 4.45 2.51
N GLN A 284 10.73 3.81 3.36
CA GLN A 284 11.08 3.62 4.77
C GLN A 284 12.00 2.41 4.92
N GLU A 285 13.26 2.58 4.53
CA GLU A 285 14.25 1.50 4.55
C GLU A 285 14.96 1.36 5.90
N SER A 286 14.59 2.18 6.87
CA SER A 286 15.20 2.19 8.20
C SER A 286 14.37 3.11 9.08
N TYR A 287 14.50 2.99 10.39
CA TYR A 287 13.93 3.95 11.34
C TYR A 287 15.01 4.71 12.09
N SER A 288 16.26 4.56 11.65
CA SER A 288 17.40 5.16 12.31
C SER A 288 17.43 6.67 12.13
N SER A 289 17.78 7.38 13.19
CA SER A 289 18.08 8.81 13.15
C SER A 289 19.38 9.12 12.40
N LYS A 290 20.26 8.13 12.27
CA LYS A 290 21.55 8.27 11.58
C LYS A 290 21.52 7.78 10.14
N LYS A 291 20.34 7.44 9.61
CA LYS A 291 20.19 7.07 8.19
C LYS A 291 19.27 8.06 7.49
N LEU A 292 19.44 8.17 6.18
CA LEU A 292 18.65 9.04 5.36
C LEU A 292 17.71 8.18 4.52
N CYS A 293 16.50 8.67 4.37
CA CYS A 293 15.44 7.94 3.68
C CYS A 293 14.94 8.80 2.53
N THR A 294 14.87 8.20 1.35
CA THR A 294 14.52 8.95 0.15
C THR A 294 12.99 9.05 0.00
N LEU A 295 12.54 10.15 -0.60
CA LEU A 295 11.13 10.40 -0.81
C LEU A 295 10.79 10.13 -2.25
N ALA A 296 9.63 9.54 -2.50
CA ALA A 296 9.19 9.21 -3.88
C ALA A 296 8.58 10.44 -4.59
N ILE A 297 9.20 11.61 -4.39
CA ILE A 297 8.77 12.89 -4.91
C ILE A 297 10.05 13.64 -5.31
N HIS A 298 10.16 13.99 -6.60
CA HIS A 298 11.32 14.75 -7.04
CA HIS A 298 11.34 14.60 -7.21
C HIS A 298 10.95 15.87 -7.99
N ALA A 299 11.92 16.74 -8.25
CA ALA A 299 11.74 17.87 -9.16
C ALA A 299 11.98 17.35 -10.57
N MET A 300 11.13 17.78 -11.50
CA MET A 300 11.26 17.41 -12.90
C MET A 300 10.60 18.53 -13.69
N ASP A 301 11.42 19.41 -14.25
CA ASP A 301 10.92 20.55 -15.03
C ASP A 301 10.65 20.07 -16.45
N ILE A 302 9.41 20.25 -16.89
CA ILE A 302 8.95 19.76 -18.18
C ILE A 302 8.66 20.99 -19.05
N PRO A 303 9.30 21.09 -20.23
CA PRO A 303 9.16 22.34 -20.99
C PRO A 303 7.81 22.42 -21.70
N PRO A 304 7.42 23.63 -22.15
CA PRO A 304 6.20 23.73 -22.97
C PRO A 304 6.34 23.00 -24.31
N PRO A 305 5.23 22.57 -24.93
CA PRO A 305 3.88 22.88 -24.49
C PRO A 305 3.29 21.95 -23.40
N THR A 306 3.99 20.86 -23.01
CA THR A 306 3.46 19.91 -22.03
C THR A 306 3.43 20.48 -20.61
N GLY A 307 4.49 21.20 -20.24
CA GLY A 307 4.60 21.79 -18.90
C GLY A 307 4.77 23.30 -18.94
N PRO A 308 5.07 23.96 -17.81
CA PRO A 308 5.27 23.32 -16.50
C PRO A 308 4.07 22.49 -16.03
N THR A 309 4.35 21.36 -15.40
CA THR A 309 3.30 20.46 -14.97
C THR A 309 3.80 19.54 -13.87
N TRP A 310 2.89 19.18 -12.98
CA TRP A 310 3.13 18.06 -12.07
C TRP A 310 3.03 16.78 -12.90
N ALA A 311 3.64 15.71 -12.41
CA ALA A 311 3.44 14.37 -12.99
C ALA A 311 3.12 13.40 -11.87
N LEU A 312 2.12 12.54 -12.10
CA LEU A 312 1.70 11.53 -11.13
C LEU A 312 2.16 10.19 -11.67
N GLY A 313 3.22 9.65 -11.06
CA GLY A 313 3.81 8.39 -11.48
C GLY A 313 3.38 7.24 -10.60
N ALA A 314 4.25 6.23 -10.50
CA ALA A 314 3.92 4.98 -9.83
C ALA A 314 3.59 5.17 -8.35
N THR A 315 4.26 6.11 -7.68
CA THR A 315 3.88 6.52 -6.31
C THR A 315 2.37 6.72 -6.19
N PHE A 316 1.81 7.42 -7.18
CA PHE A 316 0.39 7.75 -7.16
C PHE A 316 -0.45 6.57 -7.60
N ILE A 317 -0.03 5.93 -8.69
CA ILE A 317 -0.79 4.83 -9.29
C ILE A 317 -0.87 3.63 -8.37
N ARG A 318 0.19 3.38 -7.60
CA ARG A 318 0.15 2.35 -6.55
C ARG A 318 -1.05 2.46 -5.63
N LYS A 319 -1.41 3.67 -5.24
CA LYS A 319 -2.59 3.86 -4.43
C LYS A 319 -3.87 3.87 -5.26
N PHE A 320 -3.83 4.47 -6.45
CA PHE A 320 -5.04 4.64 -7.27
C PHE A 320 -4.97 3.91 -8.61
N TYR A 321 -5.76 2.85 -8.71
CA TYR A 321 -5.96 2.14 -9.97
C TYR A 321 -6.46 3.15 -11.01
N THR A 322 -5.85 3.13 -12.20
CA THR A 322 -6.06 4.20 -13.19
C THR A 322 -6.60 3.63 -14.49
N GLU A 323 -7.75 4.15 -14.93
CA GLU A 323 -8.34 3.81 -16.22
C GLU A 323 -8.07 4.96 -17.17
N PHE A 324 -7.47 4.64 -18.32
CA PHE A 324 -7.22 5.63 -19.36
C PHE A 324 -8.24 5.41 -20.46
N ASP A 325 -9.14 6.39 -20.62
CA ASP A 325 -10.33 6.26 -21.46
C ASP A 325 -10.17 7.15 -22.70
N ARG A 326 -9.91 6.51 -23.85
CA ARG A 326 -9.73 7.21 -25.11
C ARG A 326 -11.03 7.56 -25.82
N ARG A 327 -12.11 6.81 -25.61
CA ARG A 327 -13.40 7.12 -26.23
C ARG A 327 -13.99 8.41 -25.70
N ASN A 328 -13.75 8.70 -24.42
CA ASN A 328 -14.32 9.88 -23.74
C ASN A 328 -13.26 10.87 -23.24
N ASN A 329 -12.02 10.69 -23.68
CA ASN A 329 -10.89 11.54 -23.28
C ASN A 329 -10.90 11.93 -21.80
N ARG A 330 -10.74 10.91 -20.96
CA ARG A 330 -10.77 11.10 -19.52
C ARG A 330 -9.94 10.04 -18.80
N ILE A 331 -9.58 10.35 -17.57
CA ILE A 331 -8.87 9.45 -16.70
C ILE A 331 -9.77 9.16 -15.52
N GLY A 332 -9.87 7.87 -15.18
CA GLY A 332 -10.63 7.40 -14.02
C GLY A 332 -9.67 6.85 -12.97
N PHE A 333 -9.92 7.20 -11.71
CA PHE A 333 -9.14 6.69 -10.57
C PHE A 333 -10.09 5.96 -9.64
N ALA A 334 -9.66 4.80 -9.17
CA ALA A 334 -10.32 4.09 -8.09
C ALA A 334 -9.25 3.64 -7.12
N LEU A 335 -9.66 3.33 -5.89
CA LEU A 335 -8.76 2.76 -4.90
C LEU A 335 -8.24 1.43 -5.39
N ALA A 336 -6.92 1.30 -5.46
CA ALA A 336 -6.28 0.03 -5.82
C ALA A 336 -6.39 -0.91 -4.65
N ARG A 337 -6.50 -2.21 -4.95
CA ARG A 337 -6.53 -3.26 -3.91
C ARG A 337 -5.54 -4.36 -4.23
N GLY B 1 -25.47 -9.71 -1.78
CA GLY B 1 -24.19 -9.65 -1.00
C GLY B 1 -23.03 -10.24 -1.78
N ASN B 2 -22.27 -9.39 -2.48
CA ASN B 2 -21.15 -9.83 -3.29
C ASN B 2 -19.99 -8.83 -3.28
N THR B 3 -19.79 -8.15 -2.16
CA THR B 3 -18.71 -7.18 -2.02
C THR B 3 -17.66 -7.69 -1.04
N THR B 4 -16.40 -7.48 -1.40
CA THR B 4 -15.33 -7.44 -0.42
C THR B 4 -14.73 -6.05 -0.45
N SER B 5 -14.09 -5.68 0.64
CA SER B 5 -13.38 -4.42 0.74
C SER B 5 -12.04 -4.72 1.39
N SER B 6 -10.97 -4.16 0.85
CA SER B 6 -9.66 -4.35 1.42
C SER B 6 -9.04 -3.02 1.85
N VAL B 7 -8.26 -3.06 2.92
CA VAL B 7 -7.50 -1.92 3.39
C VAL B 7 -6.06 -2.37 3.54
N ILE B 8 -5.17 -1.67 2.88
CA ILE B 8 -3.75 -1.91 2.96
C ILE B 8 -3.26 -1.33 4.27
N LEU B 9 -2.37 -2.06 4.93
CA LEU B 9 -1.85 -1.63 6.21
C LEU B 9 -0.37 -1.24 6.11
N THR B 10 -0.01 -0.25 6.92
CA THR B 10 1.36 0.09 7.20
C THR B 10 1.83 -0.72 8.42
N ASN B 11 3.04 -1.22 8.34
CA ASN B 11 3.72 -1.86 9.45
C ASN B 11 4.78 -0.91 9.96
N TYR B 12 4.59 -0.40 11.17
CA TYR B 12 5.61 0.35 11.89
C TYR B 12 6.34 -0.57 12.84
N MET B 13 7.59 -0.89 12.51
CA MET B 13 8.52 -1.58 13.42
C MET B 13 8.06 -2.95 13.92
N ASP B 14 7.16 -3.62 13.19
CA ASP B 14 6.53 -4.86 13.68
C ASP B 14 5.71 -4.70 14.98
N THR B 15 5.48 -3.47 15.45
CA THR B 15 4.70 -3.23 16.67
C THR B 15 3.36 -2.51 16.46
N GLN B 16 3.18 -1.81 15.33
CA GLN B 16 1.91 -1.14 15.07
C GLN B 16 1.53 -1.35 13.62
N TYR B 17 0.27 -1.75 13.40
CA TYR B 17 -0.27 -2.00 12.08
C TYR B 17 -1.53 -1.17 11.97
N TYR B 18 -1.59 -0.35 10.93
CA TYR B 18 -2.69 0.57 10.74
C TYR B 18 -2.95 0.82 9.27
N GLY B 19 -4.20 1.14 8.96
CA GLY B 19 -4.63 1.41 7.61
C GLY B 19 -5.45 2.66 7.61
N GLU B 20 -5.86 3.09 6.44
CA GLU B 20 -6.54 4.36 6.33
C GLU B 20 -8.06 4.15 6.21
N ILE B 21 -8.80 5.05 6.87
CA ILE B 21 -10.24 5.17 6.70
C ILE B 21 -10.58 6.61 6.37
N GLY B 22 -11.76 6.79 5.78
CA GLY B 22 -12.30 8.13 5.50
C GLY B 22 -13.44 8.40 6.47
N ILE B 23 -13.56 9.64 6.92
CA ILE B 23 -14.70 10.06 7.73
C ILE B 23 -15.19 11.40 7.20
N GLY B 24 -16.47 11.50 6.88
CA GLY B 24 -17.08 12.73 6.42
C GLY B 24 -17.29 12.81 4.93
N THR B 25 -17.95 13.89 4.50
CA THR B 25 -18.20 14.19 3.10
C THR B 25 -17.67 15.60 2.84
N PRO B 26 -16.60 15.76 2.06
CA PRO B 26 -15.79 14.68 1.52
C PRO B 26 -14.96 13.98 2.61
N PRO B 27 -14.40 12.80 2.31
CA PRO B 27 -13.67 12.05 3.35
C PRO B 27 -12.40 12.74 3.87
N GLN B 28 -12.23 12.74 5.19
CA GLN B 28 -10.97 13.10 5.84
C GLN B 28 -10.30 11.79 6.21
N THR B 29 -9.05 11.65 5.79
CA THR B 29 -8.29 10.40 5.95
C THR B 29 -7.65 10.29 7.34
N PHE B 30 -7.78 9.12 7.94
CA PHE B 30 -7.16 8.84 9.23
C PHE B 30 -6.46 7.51 9.19
N LYS B 31 -5.31 7.43 9.85
CA LYS B 31 -4.61 6.18 10.08
C LYS B 31 -5.21 5.55 11.33
N VAL B 32 -5.71 4.32 11.21
CA VAL B 32 -6.37 3.65 12.32
C VAL B 32 -5.92 2.21 12.51
N VAL B 33 -5.91 1.81 13.79
CA VAL B 33 -5.70 0.42 14.15
C VAL B 33 -7.05 -0.26 14.06
N PHE B 34 -7.07 -1.42 13.42
CA PHE B 34 -8.26 -2.26 13.34
C PHE B 34 -8.12 -3.31 14.44
N ASP B 35 -8.98 -3.20 15.44
CA ASP B 35 -8.73 -3.81 16.76
C ASP B 35 -9.83 -4.78 17.16
N THR B 36 -9.57 -6.08 17.04
CA THR B 36 -10.52 -7.10 17.47
C THR B 36 -10.69 -7.19 19.00
N GLY B 37 -9.77 -6.61 19.76
CA GLY B 37 -9.90 -6.53 21.22
C GLY B 37 -10.79 -5.43 21.78
N SER B 38 -11.38 -4.60 20.92
CA SER B 38 -12.31 -3.56 21.38
C SER B 38 -13.37 -3.29 20.32
N SER B 39 -14.33 -2.45 20.64
CA SER B 39 -15.53 -2.31 19.82
C SER B 39 -15.92 -0.90 19.41
N ASN B 40 -15.16 0.11 19.83
CA ASN B 40 -15.48 1.50 19.53
C ASN B 40 -14.56 2.06 18.44
N VAL B 41 -15.11 3.03 17.70
CA VAL B 41 -14.37 3.77 16.69
C VAL B 41 -14.12 5.14 17.29
N TRP B 42 -12.88 5.60 17.21
CA TRP B 42 -12.56 6.97 17.58
C TRP B 42 -11.39 7.48 16.79
N VAL B 43 -11.32 8.81 16.70
CA VAL B 43 -10.20 9.51 16.06
C VAL B 43 -10.01 10.82 16.79
N PRO B 44 -8.83 11.46 16.65
CA PRO B 44 -8.64 12.73 17.32
C PRO B 44 -9.55 13.80 16.74
N SER B 45 -10.02 14.70 17.59
CA SER B 45 -10.86 15.83 17.21
C SER B 45 -10.04 17.08 16.91
N SER B 46 -10.54 17.91 16.00
CA SER B 46 -10.00 19.25 15.79
C SER B 46 -10.13 20.14 17.03
N LYS B 47 -11.04 19.77 17.95
CA LYS B 47 -11.11 20.40 19.27
C LYS B 47 -9.98 20.01 20.23
N CYS B 48 -9.13 19.03 19.89
CA CYS B 48 -7.95 18.73 20.70
C CYS B 48 -6.90 19.84 20.59
N SER B 49 -6.40 20.28 21.76
CA SER B 49 -5.44 21.39 21.86
C SER B 49 -4.14 21.22 21.07
N ARG B 50 -3.71 22.28 20.40
CA ARG B 50 -2.41 22.32 19.73
C ARG B 50 -1.22 22.31 20.71
N LEU B 51 -1.46 22.57 21.99
CA LEU B 51 -0.45 22.42 23.03
C LEU B 51 -0.10 20.95 23.35
N TYR B 52 -0.99 20.01 23.04
CA TYR B 52 -0.61 18.56 23.01
C TYR B 52 0.27 18.29 21.80
N THR B 53 1.47 17.72 22.02
CA THR B 53 2.35 17.29 20.92
C THR B 53 1.64 16.25 20.05
N ALA B 54 0.91 15.33 20.68
CA ALA B 54 0.11 14.33 19.96
C ALA B 54 -0.87 14.92 18.95
N CYS B 55 -1.47 16.07 19.27
CA CYS B 55 -2.48 16.68 18.39
C CYS B 55 -1.94 17.65 17.34
N VAL B 56 -0.65 17.99 17.44
CA VAL B 56 0.08 18.58 16.32
C VAL B 56 0.52 17.46 15.37
N TYR B 57 0.96 16.35 15.95
CA TYR B 57 1.53 15.23 15.19
C TYR B 57 0.52 14.17 14.74
N HIS B 58 -0.77 14.33 15.08
CA HIS B 58 -1.83 13.48 14.50
C HIS B 58 -2.84 14.29 13.70
N LYS B 59 -3.52 13.60 12.77
CA LYS B 59 -4.58 14.19 12.00
C LYS B 59 -5.86 14.27 12.85
N LEU B 60 -6.53 15.43 12.77
CA LEU B 60 -7.66 15.74 13.61
C LEU B 60 -8.90 15.79 12.73
N PHE B 61 -10.02 15.28 13.25
CA PHE B 61 -11.30 15.35 12.54
C PHE B 61 -11.95 16.70 12.75
N ASP B 62 -12.28 17.35 11.64
CA ASP B 62 -12.91 18.66 11.64
C ASP B 62 -14.35 18.52 11.16
N ALA B 63 -15.27 18.50 12.14
CA ALA B 63 -16.69 18.24 11.92
C ALA B 63 -17.38 19.24 11.01
N SER B 64 -16.95 20.49 11.04
CA SER B 64 -17.57 21.56 10.24
C SER B 64 -17.20 21.52 8.75
N ASP B 65 -16.20 20.71 8.37
CA ASP B 65 -15.89 20.46 6.95
C ASP B 65 -16.61 19.22 6.37
N SER B 66 -17.45 18.56 7.16
CA SER B 66 -18.27 17.45 6.68
C SER B 66 -19.76 17.81 6.61
N SER B 67 -20.33 17.70 5.40
CA SER B 67 -21.77 17.92 5.18
C SER B 67 -22.66 16.77 5.70
N SER B 68 -22.08 15.60 5.96
CA SER B 68 -22.85 14.45 6.45
C SER B 68 -22.73 14.24 7.98
N TYR B 69 -22.02 15.14 8.66
CA TYR B 69 -21.81 15.07 10.11
C TYR B 69 -23.10 15.34 10.89
N LYS B 70 -23.37 14.52 11.90
CA LYS B 70 -24.46 14.71 12.85
C LYS B 70 -23.86 14.83 14.24
N HIS B 71 -24.07 15.98 14.88
CA HIS B 71 -23.70 16.21 16.27
C HIS B 71 -24.39 15.22 17.20
N ASN B 72 -23.66 14.74 18.20
CA ASN B 72 -24.27 14.01 19.31
C ASN B 72 -23.87 14.58 20.67
N GLY B 73 -22.58 14.55 20.98
CA GLY B 73 -22.03 15.24 22.16
C GLY B 73 -21.85 14.42 23.44
N THR B 74 -22.37 13.19 23.48
CA THR B 74 -22.24 12.32 24.65
C THR B 74 -20.78 12.02 24.95
N GLU B 75 -20.32 12.44 26.12
CA GLU B 75 -18.93 12.20 26.52
C GLU B 75 -18.77 10.71 26.86
N LEU B 76 -17.74 10.09 26.32
CA LEU B 76 -17.44 8.68 26.58
C LEU B 76 -15.96 8.50 26.87
N THR B 77 -15.66 7.54 27.76
CA THR B 77 -14.31 7.24 28.16
C THR B 77 -14.00 5.77 27.86
N LEU B 78 -13.05 5.54 26.97
CA LEU B 78 -12.63 4.19 26.61
C LEU B 78 -11.46 3.79 27.51
N ARG B 79 -11.73 2.90 28.48
CA ARG B 79 -10.72 2.43 29.40
C ARG B 79 -10.13 1.15 28.83
N TYR B 80 -9.03 1.29 28.07
CA TYR B 80 -8.28 0.15 27.59
C TYR B 80 -7.41 -0.42 28.73
N SER B 81 -6.89 -1.64 28.54
CA SER B 81 -5.94 -2.22 29.49
C SER B 81 -4.58 -1.47 29.51
N THR B 82 -4.26 -0.75 28.44
CA THR B 82 -2.98 -0.01 28.29
C THR B 82 -3.08 1.50 28.54
N GLY B 83 -4.28 2.04 28.70
CA GLY B 83 -4.46 3.48 28.84
C GLY B 83 -5.92 3.88 28.69
N THR B 84 -6.20 5.17 28.88
CA THR B 84 -7.57 5.69 28.75
C THR B 84 -7.63 6.83 27.74
N VAL B 85 -8.74 6.87 26.99
CA VAL B 85 -8.97 7.94 26.01
C VAL B 85 -10.39 8.47 26.22
N SER B 86 -10.51 9.79 26.25
CA SER B 86 -11.79 10.45 26.50
C SER B 86 -12.15 11.32 25.32
N GLY B 87 -13.43 11.35 24.99
CA GLY B 87 -13.93 12.21 23.94
C GLY B 87 -15.43 12.34 23.98
N PHE B 88 -16.01 12.74 22.85
CA PHE B 88 -17.47 12.86 22.73
C PHE B 88 -17.95 12.15 21.48
N LEU B 89 -19.20 11.72 21.54
CA LEU B 89 -19.77 10.89 20.49
C LEU B 89 -20.23 11.76 19.32
N SER B 90 -20.05 11.23 18.11
CA SER B 90 -20.36 11.93 16.88
C SER B 90 -20.84 10.92 15.85
N GLN B 91 -21.54 11.37 14.82
CA GLN B 91 -21.95 10.51 13.72
C GLN B 91 -21.56 11.09 12.35
N ASP B 92 -21.04 10.23 11.49
CA ASP B 92 -20.76 10.59 10.11
C ASP B 92 -20.62 9.33 9.26
N ILE B 93 -20.44 9.52 7.95
CA ILE B 93 -20.18 8.42 7.02
C ILE B 93 -18.69 8.07 7.08
N ILE B 94 -18.39 6.79 7.34
CA ILE B 94 -17.03 6.29 7.36
C ILE B 94 -16.80 5.41 6.13
N THR B 95 -15.70 5.66 5.43
CA THR B 95 -15.31 4.94 4.22
C THR B 95 -14.21 3.96 4.60
N VAL B 96 -14.48 2.67 4.39
CA VAL B 96 -13.54 1.61 4.67
C VAL B 96 -13.35 0.83 3.38
N GLY B 97 -12.26 1.13 2.69
CA GLY B 97 -12.01 0.63 1.33
C GLY B 97 -13.10 1.16 0.41
N GLY B 98 -13.81 0.24 -0.26
CA GLY B 98 -14.92 0.62 -1.14
C GLY B 98 -16.29 0.63 -0.49
N ILE B 99 -16.35 0.48 0.83
CA ILE B 99 -17.60 0.44 1.58
C ILE B 99 -17.78 1.75 2.33
N THR B 100 -18.98 2.28 2.32
CA THR B 100 -19.36 3.43 3.15
C THR B 100 -20.43 3.00 4.14
N VAL B 101 -20.40 3.61 5.32
CA VAL B 101 -21.33 3.27 6.39
C VAL B 101 -21.51 4.46 7.34
N THR B 102 -22.76 4.75 7.68
CA THR B 102 -23.06 5.71 8.73
C THR B 102 -22.70 5.07 10.06
N GLN B 103 -21.87 5.76 10.83
CA GLN B 103 -21.26 5.18 12.01
C GLN B 103 -21.18 6.22 13.10
N MET B 104 -21.51 5.83 14.32
CA MET B 104 -21.20 6.65 15.50
C MET B 104 -19.76 6.36 15.93
N PHE B 105 -19.05 7.42 16.33
CA PHE B 105 -17.65 7.32 16.73
C PHE B 105 -17.27 8.43 17.70
N GLY B 106 -16.19 8.20 18.44
CA GLY B 106 -15.68 9.16 19.40
C GLY B 106 -14.76 10.17 18.76
N GLU B 107 -14.94 11.44 19.10
CA GLU B 107 -13.99 12.48 18.75
C GLU B 107 -13.20 12.71 20.02
N VAL B 108 -11.89 12.46 19.96
CA VAL B 108 -11.05 12.49 21.15
C VAL B 108 -10.45 13.88 21.32
N THR B 109 -10.57 14.40 22.54
CA THR B 109 -10.15 15.73 22.89
C THR B 109 -8.96 15.74 23.88
N GLU B 110 -8.87 14.71 24.73
CA GLU B 110 -7.73 14.50 25.61
C GLU B 110 -6.84 13.39 25.04
N MET B 111 -5.60 13.76 24.72
CA MET B 111 -4.67 12.90 24.00
C MET B 111 -3.25 13.17 24.53
N PRO B 112 -2.95 12.66 25.75
CA PRO B 112 -1.67 12.95 26.40
C PRO B 112 -0.47 12.25 25.73
N ALA B 113 0.68 12.92 25.71
CA ALA B 113 1.90 12.41 25.06
C ALA B 113 2.20 10.97 25.49
N LEU B 114 2.10 10.72 26.79
CA LEU B 114 2.12 9.37 27.34
C LEU B 114 0.64 8.93 27.43
N PRO B 115 0.17 7.92 26.68
CA PRO B 115 0.96 7.06 25.79
C PRO B 115 0.90 7.40 24.29
N PHE B 116 0.12 8.40 23.89
CA PHE B 116 -0.29 8.52 22.49
C PHE B 116 0.67 9.28 21.55
N MET B 117 1.81 9.74 22.06
CA MET B 117 2.95 10.11 21.20
C MET B 117 3.77 8.88 20.80
N LEU B 118 3.46 7.71 21.35
CA LEU B 118 3.96 6.43 20.82
C LEU B 118 3.15 5.94 19.62
N ALA B 119 1.93 6.44 19.44
CA ALA B 119 1.06 5.97 18.38
C ALA B 119 1.41 6.67 17.07
N GLU B 120 1.78 5.90 16.06
CA GLU B 120 1.95 6.41 14.69
C GLU B 120 0.61 6.50 13.96
N PHE B 121 -0.35 5.72 14.44
CA PHE B 121 -1.75 5.81 14.02
C PHE B 121 -2.48 6.96 14.74
N ASP B 122 -3.57 7.44 14.13
CA ASP B 122 -4.40 8.52 14.67
C ASP B 122 -5.46 7.98 15.65
N GLY B 123 -6.12 6.89 15.24
CA GLY B 123 -7.29 6.37 15.96
C GLY B 123 -7.43 4.86 15.87
N VAL B 124 -8.59 4.38 16.34
CA VAL B 124 -8.87 2.95 16.42
C VAL B 124 -10.24 2.64 15.80
N VAL B 125 -10.32 1.53 15.06
CA VAL B 125 -11.59 0.97 14.58
C VAL B 125 -11.78 -0.37 15.29
N GLY B 126 -12.68 -0.39 16.26
CA GLY B 126 -12.92 -1.59 17.06
C GLY B 126 -13.69 -2.60 16.23
N MET B 127 -13.11 -3.79 16.11
CA MET B 127 -13.72 -4.88 15.33
C MET B 127 -14.33 -5.97 16.24
N GLY B 128 -14.53 -5.66 17.53
CA GLY B 128 -15.17 -6.56 18.47
C GLY B 128 -16.69 -6.47 18.47
N PHE B 129 -17.31 -7.02 19.50
CA PHE B 129 -18.77 -7.15 19.54
C PHE B 129 -19.42 -5.99 20.28
N ILE B 130 -20.73 -5.83 20.07
CA ILE B 130 -21.51 -4.79 20.74
C ILE B 130 -21.46 -4.91 22.27
N GLU B 131 -21.30 -6.13 22.79
CA GLU B 131 -21.19 -6.39 24.24
C GLU B 131 -20.00 -5.74 24.94
N GLN B 132 -18.96 -5.37 24.18
CA GLN B 132 -17.79 -4.66 24.71
C GLN B 132 -17.74 -3.18 24.33
N ALA B 133 -18.74 -2.70 23.57
CA ALA B 133 -18.77 -1.31 23.14
C ALA B 133 -19.19 -0.45 24.33
N ILE B 134 -18.30 0.46 24.72
CA ILE B 134 -18.63 1.45 25.74
C ILE B 134 -19.70 2.36 25.14
N GLY B 135 -20.69 2.70 25.96
CA GLY B 135 -21.89 3.40 25.52
C GLY B 135 -22.90 2.57 24.71
N ARG B 136 -22.62 1.28 24.54
CA ARG B 136 -23.39 0.38 23.67
C ARG B 136 -23.59 0.91 22.23
N VAL B 137 -22.54 1.54 21.71
CA VAL B 137 -22.54 2.09 20.36
C VAL B 137 -22.37 0.93 19.38
N THR B 138 -23.26 0.85 18.40
CA THR B 138 -23.22 -0.20 17.40
C THR B 138 -21.87 -0.16 16.71
N PRO B 139 -21.06 -1.25 16.82
CA PRO B 139 -19.77 -1.26 16.14
C PRO B 139 -19.89 -1.23 14.63
N ILE B 140 -18.82 -0.81 13.99
CA ILE B 140 -18.81 -0.60 12.55
C ILE B 140 -19.06 -1.86 11.72
N PHE B 141 -18.50 -3.00 12.12
CA PHE B 141 -18.73 -4.22 11.35
C PHE B 141 -20.19 -4.68 11.41
N ASP B 142 -20.84 -4.53 12.57
CA ASP B 142 -22.28 -4.78 12.71
C ASP B 142 -23.10 -3.96 11.74
N ASN B 143 -22.73 -2.68 11.60
CA ASN B 143 -23.41 -1.78 10.67
C ASN B 143 -23.15 -2.13 9.23
N ILE B 144 -21.96 -2.66 8.94
CA ILE B 144 -21.66 -3.15 7.59
C ILE B 144 -22.43 -4.45 7.29
N ILE B 145 -22.56 -5.33 8.27
CA ILE B 145 -23.40 -6.54 8.12
C ILE B 145 -24.85 -6.17 7.78
N SER B 146 -25.39 -5.19 8.50
CA SER B 146 -26.76 -4.67 8.25
C SER B 146 -27.06 -4.20 6.83
N GLN B 147 -26.04 -3.72 6.12
CA GLN B 147 -26.22 -3.31 4.70
C GLN B 147 -26.47 -4.48 3.75
N GLY B 148 -26.04 -5.69 4.13
CA GLY B 148 -26.17 -6.87 3.29
C GLY B 148 -25.40 -6.77 1.97
N VAL B 149 -24.23 -6.13 2.01
CA VAL B 149 -23.35 -6.00 0.85
C VAL B 149 -22.18 -6.99 0.86
N LEU B 150 -21.73 -7.39 2.05
CA LEU B 150 -20.60 -8.31 2.17
C LEU B 150 -20.91 -9.69 1.62
N LYS B 151 -19.93 -10.24 0.91
CA LYS B 151 -20.02 -11.59 0.40
C LYS B 151 -20.19 -12.59 1.57
N GLU B 152 -19.40 -12.42 2.62
CA GLU B 152 -19.54 -13.18 3.86
C GLU B 152 -19.38 -12.29 5.07
N ASP B 153 -20.03 -12.64 6.18
CA ASP B 153 -19.88 -11.91 7.45
C ASP B 153 -18.60 -12.34 8.18
N VAL B 154 -17.47 -12.10 7.50
CA VAL B 154 -16.14 -12.40 7.99
C VAL B 154 -15.23 -11.22 7.67
N PHE B 155 -14.10 -11.13 8.35
CA PHE B 155 -13.05 -10.19 7.97
C PHE B 155 -11.70 -10.78 8.35
N SER B 156 -10.68 -10.45 7.55
CA SER B 156 -9.40 -11.14 7.64
C SER B 156 -8.25 -10.17 7.78
N PHE B 157 -7.19 -10.64 8.45
CA PHE B 157 -6.01 -9.84 8.76
C PHE B 157 -4.77 -10.53 8.25
N TYR B 158 -3.99 -9.81 7.45
CA TYR B 158 -2.62 -10.16 7.10
C TYR B 158 -1.72 -9.08 7.70
N TYR B 159 -0.75 -9.49 8.51
CA TYR B 159 0.27 -8.60 9.04
C TYR B 159 1.60 -9.12 8.50
N ASN B 160 2.30 -8.29 7.75
CA ASN B 160 3.59 -8.69 7.17
C ASN B 160 4.72 -8.54 8.20
N ARG B 161 5.84 -9.20 7.93
CA ARG B 161 7.12 -8.99 8.64
C ARG B 161 7.88 -7.85 7.98
N ASP B 162 8.62 -7.06 8.75
CA ASP B 162 9.21 -5.79 8.25
C ASP B 162 10.42 -6.02 7.33
N SER B 168 7.54 -3.33 0.31
CA SER B 168 6.41 -4.25 0.47
C SER B 168 5.29 -3.66 1.34
N LEU B 169 4.12 -4.30 1.30
CA LEU B 169 2.96 -3.89 2.07
C LEU B 169 3.11 -4.32 3.54
N GLY B 170 2.67 -3.47 4.46
CA GLY B 170 2.73 -3.78 5.89
C GLY B 170 1.70 -4.82 6.33
N GLY B 171 0.60 -4.90 5.59
CA GLY B 171 -0.43 -5.88 5.86
C GLY B 171 -1.68 -5.56 5.08
N GLN B 172 -2.75 -6.28 5.38
CA GLN B 172 -3.99 -6.12 4.66
C GLN B 172 -5.17 -6.66 5.46
N ILE B 173 -6.26 -5.90 5.50
CA ILE B 173 -7.52 -6.35 6.03
C ILE B 173 -8.47 -6.50 4.87
N VAL B 174 -9.20 -7.60 4.86
CA VAL B 174 -10.27 -7.80 3.91
C VAL B 174 -11.56 -7.86 4.72
N LEU B 175 -12.53 -7.02 4.37
CA LEU B 175 -13.89 -7.13 4.90
C LEU B 175 -14.68 -7.90 3.86
N GLY B 176 -15.34 -8.96 4.28
CA GLY B 176 -16.20 -9.76 3.41
C GLY B 176 -15.60 -11.06 2.90
N GLY B 177 -14.34 -11.34 3.24
CA GLY B 177 -13.61 -12.49 2.72
C GLY B 177 -12.16 -12.53 3.17
N SER B 178 -11.32 -13.22 2.39
CA SER B 178 -9.89 -13.34 2.66
C SER B 178 -9.10 -13.20 1.37
N ASP B 179 -7.78 -13.02 1.50
CA ASP B 179 -6.88 -12.87 0.36
C ASP B 179 -5.91 -14.05 0.29
N PRO B 180 -6.22 -15.05 -0.55
CA PRO B 180 -5.34 -16.23 -0.74
C PRO B 180 -3.92 -15.93 -1.23
N GLN B 181 -3.67 -14.75 -1.76
CA GLN B 181 -2.30 -14.33 -2.06
C GLN B 181 -1.44 -14.36 -0.79
N HIS B 182 -2.03 -14.11 0.37
CA HIS B 182 -1.27 -13.98 1.60
C HIS B 182 -1.35 -15.14 2.58
N TYR B 183 -1.91 -16.27 2.17
CA TYR B 183 -1.78 -17.46 3.01
C TYR B 183 -1.60 -18.71 2.20
N GLU B 184 -1.06 -19.72 2.86
CA GLU B 184 -0.82 -21.03 2.28
C GLU B 184 -1.83 -22.02 2.83
N GLY B 185 -2.37 -22.86 1.96
CA GLY B 185 -3.32 -23.88 2.35
C GLY B 185 -4.69 -23.32 2.70
N ASN B 186 -5.35 -23.98 3.65
CA ASN B 186 -6.71 -23.61 4.01
C ASN B 186 -6.81 -23.25 5.48
N PHE B 187 -7.87 -22.51 5.82
CA PHE B 187 -8.12 -22.17 7.21
C PHE B 187 -8.48 -23.38 8.06
N HIS B 188 -7.97 -23.39 9.28
CA HIS B 188 -8.50 -24.19 10.34
C HIS B 188 -9.07 -23.21 11.37
N TYR B 189 -10.31 -23.47 11.82
CA TYR B 189 -11.03 -22.56 12.69
C TYR B 189 -11.12 -23.07 14.12
N ILE B 190 -11.16 -22.11 15.05
CA ILE B 190 -11.45 -22.42 16.44
C ILE B 190 -12.66 -21.57 16.85
N ASN B 191 -13.63 -22.24 17.46
CA ASN B 191 -14.88 -21.58 17.87
C ASN B 191 -14.65 -20.74 19.10
N LEU B 192 -15.41 -19.65 19.22
CA LEU B 192 -15.37 -18.82 20.41
C LEU B 192 -15.98 -19.56 21.58
N ILE B 193 -15.47 -19.30 22.77
CA ILE B 193 -16.07 -19.80 24.00
C ILE B 193 -17.48 -19.24 24.12
N LYS B 194 -17.65 -17.95 23.81
CA LYS B 194 -18.96 -17.33 23.82
C LYS B 194 -19.00 -16.11 22.93
N THR B 195 -20.21 -15.70 22.54
CA THR B 195 -20.40 -14.47 21.77
C THR B 195 -19.98 -13.25 22.62
N GLY B 196 -19.62 -12.16 21.95
CA GLY B 196 -19.33 -10.90 22.63
C GLY B 196 -17.87 -10.54 22.79
N VAL B 197 -16.97 -11.49 22.54
CA VAL B 197 -15.52 -11.28 22.67
C VAL B 197 -14.79 -12.27 21.76
N TRP B 198 -13.75 -11.81 21.05
CA TRP B 198 -12.99 -12.68 20.14
C TRP B 198 -11.96 -13.50 20.93
N GLN B 199 -12.46 -14.38 21.78
CA GLN B 199 -11.66 -15.16 22.71
C GLN B 199 -11.94 -16.65 22.54
N ILE B 200 -10.87 -17.46 22.53
CA ILE B 200 -10.98 -18.90 22.32
C ILE B 200 -10.31 -19.64 23.47
N GLN B 201 -10.64 -20.93 23.57
CA GLN B 201 -9.98 -21.79 24.52
C GLN B 201 -8.65 -22.23 23.93
N MET B 202 -7.63 -22.21 24.77
CA MET B 202 -6.30 -22.70 24.42
C MET B 202 -6.03 -23.90 25.30
N LYS B 203 -5.58 -24.99 24.71
CA LYS B 203 -5.44 -26.27 25.42
C LYS B 203 -4.01 -26.55 25.88
N GLY B 204 -3.06 -25.67 25.58
CA GLY B 204 -1.67 -25.86 25.98
C GLY B 204 -0.74 -24.87 25.33
N VAL B 205 0.32 -24.50 26.06
CA VAL B 205 1.43 -23.73 25.52
C VAL B 205 2.69 -24.53 25.78
N SER B 206 3.32 -24.96 24.70
CA SER B 206 4.46 -25.85 24.76
C SER B 206 5.72 -25.09 24.43
N VAL B 207 6.79 -25.42 25.14
CA VAL B 207 8.12 -24.93 24.85
C VAL B 207 8.92 -26.14 24.38
N GLY B 208 9.39 -26.07 23.13
CA GLY B 208 10.09 -27.16 22.50
C GLY B 208 9.19 -28.37 22.29
N SER B 209 9.51 -29.46 22.98
CA SER B 209 8.76 -30.72 22.88
C SER B 209 7.77 -30.91 24.05
N SER B 210 7.92 -30.16 25.14
CA SER B 210 7.13 -30.34 26.36
C SER B 210 6.18 -29.17 26.64
N THR B 211 5.00 -29.50 27.17
CA THR B 211 3.92 -28.53 27.40
C THR B 211 4.02 -27.91 28.80
N LEU B 212 4.85 -26.88 28.90
CA LEU B 212 5.12 -26.17 30.17
C LEU B 212 3.85 -25.55 30.76
N LEU B 213 3.07 -24.87 29.93
CA LEU B 213 2.05 -23.92 30.39
C LEU B 213 0.65 -24.24 29.90
N CYS B 214 -0.33 -23.63 30.56
CA CYS B 214 -1.75 -23.73 30.17
C CYS B 214 -2.19 -25.20 30.10
N GLU B 215 -1.82 -25.96 31.13
CA GLU B 215 -1.90 -27.42 31.10
C GLU B 215 -3.34 -27.96 31.12
N ASP B 216 -4.17 -27.36 31.96
CA ASP B 216 -5.58 -27.75 32.07
C ASP B 216 -6.52 -26.80 31.32
N GLY B 217 -6.03 -26.15 30.27
CA GLY B 217 -6.80 -25.20 29.47
C GLY B 217 -6.68 -23.77 29.98
N CYS B 218 -6.88 -22.81 29.08
CA CYS B 218 -6.85 -21.38 29.41
C CYS B 218 -7.44 -20.54 28.28
N LEU B 219 -7.57 -19.23 28.50
CA LEU B 219 -8.19 -18.33 27.54
C LEU B 219 -7.15 -17.65 26.64
N ALA B 220 -7.51 -17.46 25.38
CA ALA B 220 -6.67 -16.77 24.42
C ALA B 220 -7.55 -15.77 23.67
N LEU B 221 -7.27 -14.49 23.89
CA LEU B 221 -7.91 -13.41 23.15
C LEU B 221 -7.11 -13.17 21.89
N VAL B 222 -7.75 -13.16 20.73
CA VAL B 222 -7.05 -12.93 19.46
C VAL B 222 -7.26 -11.46 19.13
N ASP B 223 -6.23 -10.66 19.39
CA ASP B 223 -6.35 -9.22 19.46
C ASP B 223 -5.49 -8.57 18.38
N THR B 224 -6.13 -8.17 17.29
CA THR B 224 -5.42 -7.52 16.20
C THR B 224 -4.86 -6.15 16.58
N GLY B 225 -5.38 -5.53 17.64
CA GLY B 225 -4.86 -4.23 18.09
C GLY B 225 -3.64 -4.29 19.01
N ALA B 226 -3.17 -5.49 19.33
CA ALA B 226 -2.06 -5.67 20.27
C ALA B 226 -0.79 -6.04 19.52
N SER B 227 0.33 -5.50 19.98
CA SER B 227 1.62 -5.73 19.34
C SER B 227 2.11 -7.16 19.49
N TYR B 228 1.90 -7.75 20.67
CA TYR B 228 2.63 -8.94 21.08
C TYR B 228 1.73 -10.11 21.36
N ILE B 229 2.37 -11.27 21.57
CA ILE B 229 1.72 -12.35 22.26
C ILE B 229 1.93 -12.01 23.71
N SER B 230 0.86 -12.07 24.51
CA SER B 230 0.97 -11.78 25.93
C SER B 230 0.30 -12.84 26.75
N GLY B 231 0.77 -12.98 27.98
CA GLY B 231 0.16 -13.82 28.98
C GLY B 231 0.25 -13.11 30.30
N SER B 232 -0.28 -13.72 31.35
CA SER B 232 -0.13 -13.16 32.70
C SER B 232 1.34 -13.17 33.12
N THR B 233 1.65 -12.34 34.10
CA THR B 233 3.00 -12.18 34.62
C THR B 233 3.64 -13.51 35.00
N SER B 234 2.93 -14.34 35.75
CA SER B 234 3.48 -15.64 36.16
C SER B 234 3.68 -16.58 34.97
N SER B 235 2.72 -16.62 34.05
CA SER B 235 2.84 -17.43 32.82
C SER B 235 4.10 -17.05 32.02
N ILE B 236 4.29 -15.74 31.84
CA ILE B 236 5.42 -15.22 31.09
C ILE B 236 6.73 -15.42 31.84
N GLU B 237 6.72 -15.32 33.17
CA GLU B 237 7.91 -15.59 33.99
C GLU B 237 8.39 -17.04 33.81
N LYS B 238 7.46 -17.99 33.87
CA LYS B 238 7.79 -19.41 33.66
C LYS B 238 8.23 -19.67 32.22
N LEU B 239 7.56 -19.01 31.27
CA LEU B 239 7.92 -19.12 29.86
C LEU B 239 9.35 -18.66 29.62
N MET B 240 9.73 -17.53 30.20
CA MET B 240 11.04 -16.95 29.96
C MET B 240 12.14 -17.72 30.65
N GLU B 241 11.88 -18.23 31.85
CA GLU B 241 12.79 -19.15 32.52
C GLU B 241 13.06 -20.38 31.66
N ALA B 242 12.03 -20.90 30.99
CA ALA B 242 12.19 -22.05 30.08
C ALA B 242 13.05 -21.71 28.84
N LEU B 243 12.88 -20.49 28.32
CA LEU B 243 13.71 -19.98 27.21
C LEU B 243 15.13 -19.63 27.64
N GLY B 244 15.34 -19.33 28.92
CA GLY B 244 16.60 -18.77 29.41
C GLY B 244 16.71 -17.25 29.20
N ALA B 245 15.58 -16.58 29.02
CA ALA B 245 15.55 -15.12 28.83
C ALA B 245 15.50 -14.46 30.18
N LYS B 246 16.21 -13.33 30.32
CA LYS B 246 16.26 -12.57 31.55
C LYS B 246 15.61 -11.20 31.32
N LYS B 247 15.08 -10.63 32.40
CA LYS B 247 14.47 -9.30 32.35
C LYS B 247 15.61 -8.28 32.37
N ARG B 248 15.68 -7.49 31.29
CA ARG B 248 16.79 -6.58 31.04
C ARG B 248 16.65 -5.39 31.98
N LEU B 249 15.57 -4.64 31.77
CA LEU B 249 15.24 -3.46 32.57
C LEU B 249 13.74 -3.24 32.44
N PHE B 250 13.28 -3.14 31.18
CA PHE B 250 11.86 -3.05 30.86
C PHE B 250 11.33 -4.34 30.22
N ASP B 251 12.15 -5.00 29.40
CA ASP B 251 11.73 -6.15 28.58
C ASP B 251 12.58 -7.38 28.83
N TYR B 252 12.08 -8.52 28.36
CA TYR B 252 12.85 -9.78 28.37
C TYR B 252 13.78 -9.85 27.17
N VAL B 253 15.01 -10.30 27.42
CA VAL B 253 16.01 -10.38 26.37
C VAL B 253 16.78 -11.70 26.39
N VAL B 254 17.34 -12.03 25.24
CA VAL B 254 18.39 -13.04 25.12
C VAL B 254 19.57 -12.41 24.39
N LYS B 255 20.72 -13.06 24.44
CA LYS B 255 21.82 -12.67 23.57
C LYS B 255 21.37 -12.97 22.14
N CYS B 256 21.71 -12.09 21.21
CA CYS B 256 21.17 -12.16 19.86
C CYS B 256 21.57 -13.45 19.15
N ASN B 257 22.82 -13.86 19.31
CA ASN B 257 23.31 -15.12 18.73
C ASN B 257 22.58 -16.36 19.26
N GLU B 258 22.03 -16.28 20.47
CA GLU B 258 21.36 -17.41 21.10
C GLU B 258 19.89 -17.60 20.69
N GLY B 259 19.33 -16.67 19.91
CA GLY B 259 17.96 -16.77 19.42
C GLY B 259 17.68 -18.02 18.60
N PRO B 260 18.55 -18.35 17.62
CA PRO B 260 18.44 -19.61 16.88
C PRO B 260 18.44 -20.91 17.71
N THR B 261 19.03 -20.90 18.90
CA THR B 261 18.98 -22.08 19.77
C THR B 261 17.65 -22.20 20.50
N LEU B 262 16.90 -21.11 20.62
CA LEU B 262 15.69 -21.11 21.43
C LEU B 262 14.62 -22.04 20.87
N PRO B 263 13.86 -22.69 21.75
CA PRO B 263 12.89 -23.66 21.27
C PRO B 263 11.66 -23.03 20.61
N ASP B 264 10.97 -23.86 19.84
CA ASP B 264 9.68 -23.50 19.27
C ASP B 264 8.68 -23.33 20.39
N ILE B 265 7.74 -22.40 20.20
CA ILE B 265 6.62 -22.19 21.10
C ILE B 265 5.34 -22.51 20.32
N SER B 266 4.60 -23.51 20.79
CA SER B 266 3.37 -23.96 20.16
C SER B 266 2.15 -23.65 21.03
N PHE B 267 1.13 -23.09 20.40
CA PHE B 267 -0.13 -22.79 21.06
C PHE B 267 -1.15 -23.81 20.57
N HIS B 268 -1.70 -24.59 21.51
CA HIS B 268 -2.62 -25.67 21.18
C HIS B 268 -4.05 -25.11 21.08
N LEU B 269 -4.50 -24.90 19.84
CA LEU B 269 -5.78 -24.27 19.56
C LEU B 269 -6.66 -25.21 18.74
N GLY B 270 -7.69 -25.73 19.39
CA GLY B 270 -8.69 -26.58 18.75
C GLY B 270 -8.16 -27.78 17.99
N GLY B 271 -7.19 -28.49 18.57
CA GLY B 271 -6.71 -29.73 17.95
C GLY B 271 -5.62 -29.60 16.90
N LYS B 272 -5.09 -28.40 16.71
CA LYS B 272 -3.83 -28.23 16.00
C LYS B 272 -2.86 -27.45 16.88
N GLU B 273 -1.58 -27.72 16.70
CA GLU B 273 -0.51 -26.90 17.30
C GLU B 273 -0.17 -25.74 16.37
N TYR B 274 -0.19 -24.52 16.91
CA TYR B 274 0.22 -23.33 16.18
C TYR B 274 1.58 -22.93 16.67
N THR B 275 2.60 -23.22 15.87
CA THR B 275 3.99 -23.18 16.30
C THR B 275 4.73 -21.96 15.77
N LEU B 276 5.30 -21.18 16.68
CA LEU B 276 6.23 -20.11 16.35
C LEU B 276 7.64 -20.57 16.68
N THR B 277 8.53 -20.45 15.70
CA THR B 277 9.97 -20.66 15.91
C THR B 277 10.53 -19.39 16.50
N SER B 278 11.76 -19.47 17.00
CA SER B 278 12.46 -18.28 17.49
C SER B 278 12.53 -17.12 16.48
N ALA B 279 12.68 -17.44 15.18
CA ALA B 279 12.57 -16.42 14.11
C ALA B 279 11.27 -15.61 14.18
N ASP B 280 10.20 -16.23 14.65
CA ASP B 280 8.89 -15.60 14.75
C ASP B 280 8.67 -14.79 16.03
N TYR B 281 9.42 -15.05 17.11
CA TYR B 281 9.20 -14.31 18.38
C TYR B 281 10.38 -13.52 18.97
N VAL B 282 11.58 -13.69 18.42
CA VAL B 282 12.72 -12.88 18.80
C VAL B 282 12.88 -11.79 17.77
N PHE B 283 12.97 -10.54 18.21
CA PHE B 283 13.37 -9.47 17.30
C PHE B 283 14.86 -9.58 17.05
N GLN B 284 15.21 -10.31 16.00
CA GLN B 284 16.60 -10.50 15.61
C GLN B 284 17.10 -9.28 14.82
N GLU B 285 17.36 -8.20 15.56
CA GLU B 285 17.98 -7.00 14.99
C GLU B 285 19.42 -7.32 14.62
N SER B 286 19.97 -8.37 15.22
CA SER B 286 21.29 -8.88 14.93
C SER B 286 21.36 -10.37 15.30
N TYR B 287 22.49 -11.01 14.98
CA TYR B 287 22.81 -12.34 15.48
C TYR B 287 24.13 -12.29 16.25
N SER B 288 24.45 -11.10 16.76
CA SER B 288 25.73 -10.86 17.42
C SER B 288 25.74 -11.42 18.84
N SER B 289 26.81 -12.13 19.18
CA SER B 289 27.09 -12.53 20.57
C SER B 289 27.34 -11.36 21.53
N LYS B 290 27.50 -10.15 20.98
CA LYS B 290 27.82 -8.96 21.75
C LYS B 290 26.61 -8.07 22.02
N LYS B 291 25.43 -8.47 21.52
CA LYS B 291 24.21 -7.67 21.62
C LYS B 291 23.08 -8.48 22.26
N LEU B 292 22.07 -7.76 22.73
CA LEU B 292 20.88 -8.35 23.34
C LEU B 292 19.70 -8.08 22.45
N CYS B 293 18.88 -9.09 22.26
CA CYS B 293 17.71 -9.00 21.39
C CYS B 293 16.48 -9.19 22.28
N THR B 294 15.44 -8.38 22.03
CA THR B 294 14.18 -8.48 22.79
C THR B 294 13.25 -9.50 22.12
N LEU B 295 12.33 -10.04 22.92
CA LEU B 295 11.31 -10.95 22.44
C LEU B 295 10.00 -10.21 22.23
N ALA B 296 9.19 -10.69 21.28
CA ALA B 296 7.88 -10.11 20.99
C ALA B 296 6.78 -10.78 21.83
N ILE B 297 7.09 -11.05 23.10
CA ILE B 297 6.21 -11.73 24.04
C ILE B 297 6.31 -10.93 25.34
N HIS B 298 5.20 -10.40 25.82
CA HIS B 298 5.18 -9.54 27.01
C HIS B 298 4.22 -10.05 28.07
N ALA B 299 4.48 -9.71 29.32
CA ALA B 299 3.50 -9.91 30.40
C ALA B 299 2.40 -8.84 30.27
N MET B 300 1.14 -9.27 30.37
CA MET B 300 0.00 -8.35 30.41
C MET B 300 -1.07 -8.98 31.29
N ASP B 301 -1.24 -8.44 32.48
CA ASP B 301 -2.28 -8.92 33.38
C ASP B 301 -3.57 -8.22 33.00
N ILE B 302 -4.45 -8.95 32.34
CA ILE B 302 -5.71 -8.42 31.82
C ILE B 302 -6.79 -8.70 32.87
N PRO B 303 -7.46 -7.64 33.38
CA PRO B 303 -8.38 -7.85 34.50
C PRO B 303 -9.71 -8.49 34.06
N PRO B 304 -10.47 -9.09 35.00
CA PRO B 304 -11.83 -9.55 34.71
C PRO B 304 -12.76 -8.44 34.14
N PRO B 305 -13.77 -8.80 33.35
CA PRO B 305 -14.15 -10.19 33.07
C PRO B 305 -13.37 -10.87 31.92
N THR B 306 -12.77 -10.08 31.03
CA THR B 306 -12.05 -10.63 29.87
C THR B 306 -10.90 -11.56 30.23
N GLY B 307 -10.15 -11.22 31.29
CA GLY B 307 -9.04 -12.04 31.76
C GLY B 307 -9.25 -12.53 33.18
N PRO B 308 -8.26 -13.21 33.79
CA PRO B 308 -6.92 -13.45 33.19
C PRO B 308 -6.95 -14.23 31.87
N THR B 309 -6.10 -13.84 30.93
CA THR B 309 -6.11 -14.40 29.60
C THR B 309 -4.80 -14.12 28.87
N TRP B 310 -4.40 -15.05 28.02
CA TRP B 310 -3.39 -14.78 27.01
C TRP B 310 -4.02 -13.91 25.95
N ALA B 311 -3.18 -13.18 25.23
CA ALA B 311 -3.61 -12.44 24.05
C ALA B 311 -2.69 -12.80 22.89
N LEU B 312 -3.28 -13.13 21.75
CA LEU B 312 -2.52 -13.41 20.53
C LEU B 312 -2.58 -12.17 19.64
N GLY B 313 -1.51 -11.37 19.68
CA GLY B 313 -1.44 -10.11 18.93
C GLY B 313 -0.69 -10.26 17.63
N ALA B 314 -0.07 -9.15 17.21
CA ALA B 314 0.62 -9.07 15.91
C ALA B 314 1.69 -10.14 15.72
N THR B 315 2.45 -10.43 16.78
CA THR B 315 3.43 -11.52 16.76
C THR B 315 2.82 -12.83 16.22
N PHE B 316 1.66 -13.19 16.75
CA PHE B 316 0.98 -14.40 16.33
C PHE B 316 0.38 -14.29 14.93
N ILE B 317 -0.26 -13.15 14.65
CA ILE B 317 -0.95 -12.94 13.39
C ILE B 317 0.04 -12.86 12.23
N ARG B 318 1.24 -12.33 12.50
CA ARG B 318 2.33 -12.35 11.51
C ARG B 318 2.60 -13.77 10.99
N LYS B 319 2.59 -14.73 11.90
CA LYS B 319 2.80 -16.12 11.54
C LYS B 319 1.55 -16.71 10.89
N PHE B 320 0.38 -16.36 11.42
CA PHE B 320 -0.88 -16.96 11.00
C PHE B 320 -1.89 -15.93 10.53
N TYR B 321 -2.10 -15.90 9.21
CA TYR B 321 -3.19 -15.16 8.60
C TYR B 321 -4.49 -15.52 9.33
N THR B 322 -5.24 -14.51 9.77
CA THR B 322 -6.36 -14.72 10.69
C THR B 322 -7.65 -14.23 10.06
N GLU B 323 -8.69 -15.07 10.13
CA GLU B 323 -10.02 -14.70 9.64
C GLU B 323 -10.99 -14.72 10.80
N PHE B 324 -11.70 -13.61 11.00
CA PHE B 324 -12.69 -13.52 12.06
C PHE B 324 -14.06 -13.72 11.43
N ASP B 325 -14.81 -14.67 11.97
CA ASP B 325 -16.05 -15.16 11.37
C ASP B 325 -17.22 -14.86 12.31
N ARG B 326 -17.99 -13.82 11.98
CA ARG B 326 -19.18 -13.42 12.74
C ARG B 326 -20.42 -14.25 12.43
N ARG B 327 -20.43 -14.97 11.30
CA ARG B 327 -21.56 -15.85 10.99
C ARG B 327 -21.58 -17.07 11.90
N ASN B 328 -20.39 -17.56 12.26
CA ASN B 328 -20.22 -18.79 13.02
C ASN B 328 -19.55 -18.63 14.39
N ASN B 329 -19.19 -17.39 14.77
CA ASN B 329 -18.41 -17.11 15.99
C ASN B 329 -17.18 -18.01 16.13
N ARG B 330 -16.25 -17.82 15.21
CA ARG B 330 -15.05 -18.61 15.19
C ARG B 330 -13.91 -17.85 14.52
N ILE B 331 -12.69 -18.29 14.77
CA ILE B 331 -11.50 -17.61 14.26
C ILE B 331 -10.67 -18.61 13.46
N GLY B 332 -10.41 -18.26 12.20
CA GLY B 332 -9.66 -19.12 11.28
C GLY B 332 -8.20 -18.71 11.19
N PHE B 333 -7.32 -19.70 11.15
CA PHE B 333 -5.89 -19.46 10.98
C PHE B 333 -5.38 -20.23 9.79
N ALA B 334 -4.46 -19.62 9.05
CA ALA B 334 -3.69 -20.28 8.01
C ALA B 334 -2.32 -19.63 7.96
N LEU B 335 -1.33 -20.37 7.49
CA LEU B 335 0.05 -19.90 7.46
C LEU B 335 0.19 -18.71 6.51
N ALA B 336 0.63 -17.57 7.06
CA ALA B 336 0.79 -16.34 6.29
C ALA B 336 1.92 -16.43 5.28
N ARG B 337 1.85 -15.63 4.23
CA ARG B 337 2.96 -15.47 3.28
C ARG B 337 2.95 -14.09 2.57
C1 NAG C . 9.19 6.71 -44.16
C2 NAG C . 9.24 5.90 -45.45
C3 NAG C . 8.43 6.66 -46.50
C4 NAG C . 7.01 6.92 -46.00
C5 NAG C . 6.94 7.38 -44.53
C6 NAG C . 5.54 7.24 -43.97
C7 NAG C . 11.10 4.55 -46.35
C8 NAG C . 12.53 4.57 -46.80
N2 NAG C . 10.62 5.71 -45.91
O3 NAG C . 8.41 5.91 -47.71
O4 NAG C . 6.42 7.93 -46.83
O5 NAG C . 7.84 6.64 -43.70
O6 NAG C . 5.31 8.27 -43.01
O7 NAG C . 10.45 3.52 -46.41
C4 6VS D . 9.91 3.08 -15.16
C5 6VS D . 11.10 3.95 -14.79
C7 6VS D . 12.16 5.97 -15.71
C13 6VS D . 10.97 8.08 -16.58
C17 6VS D . 11.58 6.40 -19.27
C20 6VS D . 9.38 9.22 -18.05
C22 6VS D . 8.30 8.48 -18.85
C24 6VS D . 7.62 10.52 -20.03
C28 6VS D . 8.95 12.61 -19.94
C1 6VS D . 6.58 3.01 -13.69
O2 6VS D . 7.79 2.46 -14.22
C3 6VS D . 8.84 3.40 -14.13
N6 6VS D . 11.01 5.26 -15.49
N8 6VS D . 13.34 5.40 -15.44
C9 6VS D . 14.48 6.02 -15.63
N10 6VS D . 14.50 7.27 -16.10
C11 6VS D . 13.40 7.93 -16.40
C12 6VS D . 12.16 7.30 -16.23
O14 6VS D . 10.33 8.51 -15.65
N15 6VS D . 10.58 8.37 -17.86
C16 6VS D . 11.32 7.91 -19.07
C18 6VS D . 10.32 5.57 -19.39
C19 6VS D . 12.42 6.26 -20.53
N23 6VS D . 7.18 9.36 -19.24
C25 6VS D . 8.54 11.38 -19.15
C27 6VS D . 9.78 10.55 -18.73
O29 6VS D . 10.01 12.55 -20.53
N30 6VS D . 8.21 13.76 -20.02
C31 6VS D . 8.69 14.91 -20.83
C32 6VS D . 7.64 15.23 -21.90
O33 6VS D . 6.34 15.34 -21.29
C34 6VS D . 5.90 14.21 -20.51
C35 6VS D . 6.90 13.96 -19.36
C36 6VS D . 15.77 5.33 -15.31
C37 6VS D . 15.57 3.98 -14.59
C38 6VS D . 16.45 5.04 -16.65
C39 6VS D . 16.65 6.22 -14.43
S DMS E . 6.51 4.09 -1.02
O DMS E . 6.80 4.95 -2.18
C1 DMS E . 5.11 3.16 -1.29
C2 DMS E . 7.67 2.84 -0.93
S DMS F . 30.01 6.39 -27.32
O DMS F . 29.47 6.65 -25.96
C1 DMS F . 29.82 7.76 -28.31
C2 DMS F . 31.71 6.35 -27.22
S DMS G . 27.34 -1.70 -34.82
O DMS G . 27.91 -2.98 -34.38
C1 DMS G . 28.57 -0.51 -34.96
C2 DMS G . 26.86 -1.82 -36.46
S DMS H . -10.45 8.66 -3.77
O DMS H . -10.94 10.04 -3.95
C1 DMS H . -10.93 8.10 -2.23
C2 DMS H . -11.34 7.61 -4.78
S DMS I . 15.57 17.03 -7.42
O DMS I . 14.46 16.34 -6.73
C1 DMS I . 16.94 17.03 -6.40
C2 DMS I . 16.14 16.05 -8.70
S DMS J . 21.16 -3.71 -16.30
O DMS J . 21.20 -2.38 -16.96
C1 DMS J . 20.38 -3.55 -14.79
C2 DMS J . 20.04 -4.72 -17.10
S DMS K . 9.12 -7.93 -45.79
O DMS K . 10.05 -8.58 -46.74
C1 DMS K . 7.52 -8.11 -46.34
C2 DMS K . 9.05 -8.81 -44.34
S DMS L . 21.40 7.15 -36.33
O DMS L . 22.55 6.51 -35.65
C1 DMS L . 20.20 5.97 -36.60
C2 DMS L . 20.57 8.17 -35.23
C1 PEG M . 20.24 8.60 -10.75
O1 PEG M . 20.58 8.96 -12.10
C2 PEG M . 21.45 7.99 -10.06
O2 PEG M . 21.51 8.41 -8.70
C3 PEG M . 20.71 7.65 -7.78
C4 PEG M . 21.58 6.61 -7.06
O4 PEG M . 21.18 5.28 -7.44
C1 PEG N . -4.43 -12.66 -22.27
O1 PEG N . -5.43 -11.84 -21.64
C2 PEG N . -3.06 -12.12 -21.91
O2 PEG N . -2.06 -13.15 -21.97
C3 PEG N . -1.77 -13.63 -23.29
C4 PEG N . -0.26 -13.64 -23.50
O4 PEG N . 0.06 -14.67 -24.44
C1 NAG O . -26.35 9.71 21.89
C2 NAG O . -27.84 10.03 21.88
C3 NAG O . -28.48 9.07 22.88
C4 NAG O . -28.11 7.62 22.54
C5 NAG O . -26.59 7.42 22.37
C6 NAG O . -26.17 6.02 21.91
C7 NAG O . -28.25 12.40 21.28
C8 NAG O . -28.39 13.81 21.81
N2 NAG O . -28.03 11.45 22.19
O3 NAG O . -29.89 9.27 22.88
O4 NAG O . -28.57 6.75 23.58
O5 NAG O . -26.11 8.38 21.42
O6 NAG O . -26.99 5.52 20.85
O7 NAG O . -28.34 12.18 20.08
C4 6VS P . -0.59 -1.50 17.75
C5 6VS P . -1.36 -0.61 18.71
C7 6VS P . -1.24 -0.40 21.15
C13 6VS P . -2.92 -1.79 22.48
C17 6VS P . -4.78 0.53 21.26
C20 6VS P . -5.07 -2.88 22.82
C22 6VS P . -5.97 -3.15 21.61
C24 6VS P . -7.74 -3.97 23.07
C28 6VS P . -7.71 -3.81 25.55
C1 6VS P . -1.41 -4.27 15.70
O2 6VS P . -0.89 -2.96 15.86
C3 6VS P . -1.59 -2.15 16.81
N6 6VS P . -1.31 -1.22 20.04
N8 6VS P . -0.44 0.67 21.14
C9 6VS P . -0.34 1.50 22.17
N10 6VS P . -1.04 1.28 23.28
C11 6VS P . -1.85 0.24 23.39
C12 6VS P . -2.00 -0.65 22.32
O14 6VS P . -2.42 -2.88 22.56
N15 6VS P . -4.28 -1.64 22.60
C16 6VS P . -4.99 -0.32 22.53
C18 6VS P . -5.46 1.88 21.43
C19 6VS P . -5.24 -0.13 19.96
N23 6VS P . -6.93 -4.24 21.88
C25 6VS P . -6.84 -3.95 24.32
C27 6VS P . -5.87 -2.76 24.14
O29 6VS P . -7.77 -2.71 26.08
N30 6VS P . -8.46 -4.83 26.08
C31 6VS P . -8.50 -6.21 25.52
C32 6VS P . -8.30 -7.20 26.67
O33 6VS P . -9.33 -6.96 27.64
C34 6VS P . -9.23 -5.70 28.31
C35 6VS P . -9.31 -4.56 27.28
C36 6VS P . 0.57 2.70 22.12
C37 6VS P . 1.70 2.52 23.16
C38 6VS P . 1.19 2.89 20.73
C39 6VS P . -0.24 3.96 22.45
C1 PEG Q . -23.30 -18.82 16.90
O1 PEG Q . -23.18 -18.08 15.68
C2 PEG Q . -22.46 -20.09 16.85
O2 PEG Q . -21.36 -20.00 17.75
C3 PEG Q . -20.83 -21.26 18.14
C4 PEG Q . -19.55 -21.07 18.95
O4 PEG Q . -19.81 -20.24 20.09
S DMS R . -0.79 -24.72 11.26
O DMS R . -1.59 -24.90 12.50
C1 DMS R . 0.07 -26.15 10.94
C2 DMS R . -1.83 -24.68 9.91
S DMS S . -6.45 1.20 0.77
O DMS S . -5.58 0.66 1.82
C1 DMS S . -6.93 -0.10 -0.23
C2 DMS S . -7.93 1.68 1.47
#